data_8DW2
#
_entry.id   8DW2
#
_cell.length_a   1.00
_cell.length_b   1.00
_cell.length_c   1.00
_cell.angle_alpha   90.00
_cell.angle_beta   90.00
_cell.angle_gamma   90.00
#
_symmetry.space_group_name_H-M   'P 1'
#
loop_
_entity.id
_entity.type
_entity.pdbx_description
1 polymer SR22
2 polymer 'Spike protein S1'
3 polymer 'Antibody S309 light chain'
4 polymer 'Antibody S309 heavy chain'
5 polymer 'Antibody CR3022 heavy chain'
6 polymer 'Antibody CR3022 light chain'
7 branched beta-D-mannopyranose-(1-4)-2-acetamido-2-deoxy-beta-D-glucopyranose-(1-4)-2-acetamido-2-deoxy-beta-D-glucopyranose
#
loop_
_entity_poly.entity_id
_entity_poly.type
_entity_poly.pdbx_seq_one_letter_code
_entity_poly.pdbx_strand_id
1 'polypeptide(L)'
;GKKLLEAARAGQDDEVRILMANGADVNACDPSGITPLHLAADKGHLEIVEVLLKYGADVNAMDVWGRTPLHLAAFTGHLE
IVEVLLKYGADVNACDLNGYTPLHLAAGRGHLEIVEVLLKNGAGVNAQDKFGKTAFDISIDNGNEDLAEILQSSS
;
A
2 'polypeptide(L)'
;PNITNLCPFGEVFNATRFASVYAWNRKRISNCVADYSVLYNSASFSTFKCYGVSPTKLNDLCFTNVYADSFVIRGDEVRQ
IAPGQTGKIADYNYKLPDDFTGCVIAWNSNNLDSKVGGNYNYLYRLFRKSNLKPFERDISTEIYQAGSTPCNGVEGFNCY
FPLQSYGFQPTNGVGYQPYRVVVLSFELLHAPATVCG
;
B
3 'polypeptide(L)'
;EIVLTQSPGTLSLSPGERATLSCRASQTVSSTSLAWYQQKPGQAPRLLIYGASSRATGIPDRFSGSGSGTDFTLTISRLE
PEDFAVYYCQQHDTSLTFGGGTKVEIKRTVAAPSVFIFPPSDEQLKSGTASVVCLLNNFYPREAKVQWKVDNALQSGNSQ
ESVTEQDSKDSTYSLSSTLTLSKADYEKHKVYACEVTHQGLSSPVTKSFNRGEC
;
C
4 'polypeptide(L)'
;QVQLVQSGAEVKKPGASVKVSCKASGYPFTSYGISWVRQAPGQGLEWMGWISTYNGNTNYAQKFQGRVTMTTDTSTTTGY
MELRRLRSDDTAVYYCARDYTRGAWFGESLIGGFDNWGQGTLVTVSSASTKGPSVFPLAPSSKSTSGGTAALGCLVKDYF
PEPVTVSWNSGALTSGVHTFPAVLQSSGLYSLSSVVTVPSSSLGTQTYICNVNHKPSNTKVDKKVEPKSC
;
D
5 'polypeptide(L)'
;TQMQLVQSGTEVKKPGESLKISCKGSGYGFITYWIGWVRQMPGKGLEWMGIIYPGDSETRYSPSFQGQVTISADKSINTA
YLQWSSLKASDTAIYYCAGGSGISTPMDVWGQGTTVTVASTKGPSVFPLAPSSKSTSGGTAALGCLVKDYFPEPVTVSWN
SGALTSGVHTFPAVLQSSGLYSLSSVVTVPSSSLGTQTYICNVNHKPSNTKVDKKVEPKSC
;
H
6 'polypeptide(L)'
;DIQLTQSPDSLAVSLGERATINCKSSQSVLYSSINKNYLAWYQQKPGQPPKLLIYWASTRESGVPDRFSGSGSGTDFTLT
ISSLQAEDVAVYYCQQYYSTPYTFGQGTKVEIKRTVAAPSVFIFPPSDEQLKSGTASVVCLLNNFYPREAKVQWKVDNAL
QSGNSQESVTEQDSKDSTYSLSSTLTLSKADYEKHKVYACEVTHQGLSSPVTKSFNRGEC
;
L
#
# COMPACT_ATOMS: atom_id res chain seq x y z
N GLY A 1 25.37 17.07 -33.53
CA GLY A 1 26.69 17.68 -33.66
C GLY A 1 27.82 16.73 -33.31
N LYS A 2 27.67 15.46 -33.68
CA LYS A 2 28.69 14.46 -33.41
C LYS A 2 29.83 14.50 -34.41
N LYS A 3 29.72 15.30 -35.48
CA LYS A 3 30.75 15.30 -36.52
C LYS A 3 32.08 15.83 -35.98
N LEU A 4 32.04 16.80 -35.07
CA LEU A 4 33.26 17.44 -34.60
C LEU A 4 34.16 16.46 -33.86
N LEU A 5 33.59 15.48 -33.17
CA LEU A 5 34.40 14.52 -32.44
C LEU A 5 35.29 13.71 -33.39
N GLU A 6 34.68 13.12 -34.43
CA GLU A 6 35.48 12.36 -35.38
C GLU A 6 36.37 13.27 -36.22
N ALA A 7 35.95 14.51 -36.47
CA ALA A 7 36.81 15.44 -37.18
C ALA A 7 38.08 15.75 -36.39
N ALA A 8 37.94 15.96 -35.09
CA ALA A 8 39.10 16.20 -34.23
C ALA A 8 39.96 14.95 -34.12
N ARG A 9 39.32 13.78 -34.06
CA ARG A 9 40.09 12.54 -34.02
C ARG A 9 40.91 12.35 -35.29
N ALA A 10 40.32 12.66 -36.45
CA ALA A 10 41.01 12.50 -37.72
C ALA A 10 42.05 13.58 -37.99
N GLY A 11 42.05 14.66 -37.22
CA GLY A 11 43.02 15.73 -37.42
C GLY A 11 42.89 16.48 -38.73
N GLN A 12 41.66 16.82 -39.11
CA GLN A 12 41.39 17.60 -40.31
C GLN A 12 40.94 18.99 -39.84
N ASP A 13 41.91 19.92 -39.78
CA ASP A 13 41.67 21.21 -39.16
C ASP A 13 40.67 22.04 -39.95
N ASP A 14 40.68 21.93 -41.28
CA ASP A 14 39.76 22.73 -42.10
C ASP A 14 38.31 22.34 -41.81
N GLU A 15 38.03 21.04 -41.66
CA GLU A 15 36.67 20.62 -41.40
C GLU A 15 36.17 21.12 -40.05
N VAL A 16 37.01 21.02 -39.01
CA VAL A 16 36.59 21.50 -37.70
C VAL A 16 36.41 23.02 -37.73
N ARG A 17 37.29 23.71 -38.45
CA ARG A 17 37.17 25.16 -38.61
C ARG A 17 35.84 25.54 -39.21
N ILE A 18 35.48 24.93 -40.36
CA ILE A 18 34.26 25.32 -41.04
C ILE A 18 33.03 24.88 -40.24
N LEU A 19 33.08 23.70 -39.62
CA LEU A 19 31.91 23.22 -38.88
C LEU A 19 31.65 24.06 -37.65
N MET A 20 32.67 24.37 -36.85
CA MET A 20 32.47 25.21 -35.68
C MET A 20 32.22 26.66 -36.06
N ALA A 21 32.67 27.11 -37.24
CA ALA A 21 32.20 28.39 -37.74
C ALA A 21 30.74 28.35 -38.15
N ASN A 22 30.23 27.18 -38.53
CA ASN A 22 28.83 27.01 -38.91
C ASN A 22 27.93 26.74 -37.70
N GLY A 23 28.50 26.56 -36.52
CA GLY A 23 27.70 26.37 -35.33
C GLY A 23 27.81 24.99 -34.70
N ALA A 24 28.98 24.37 -34.80
CA ALA A 24 29.20 23.10 -34.14
C ALA A 24 29.28 23.28 -32.63
N ASP A 25 28.89 22.24 -31.91
CA ASP A 25 28.82 22.31 -30.45
C ASP A 25 30.23 22.38 -29.85
N VAL A 26 30.34 23.09 -28.73
CA VAL A 26 31.61 23.16 -28.03
C VAL A 26 31.76 22.08 -26.98
N ASN A 27 30.68 21.38 -26.65
CA ASN A 27 30.69 20.32 -25.64
C ASN A 27 29.89 19.11 -26.13
N ALA A 28 30.00 18.79 -27.42
CA ALA A 28 29.35 17.61 -27.94
C ALA A 28 29.93 16.35 -27.31
N CYS A 29 29.05 15.41 -26.97
CA CYS A 29 29.45 14.24 -26.20
C CYS A 29 28.87 12.97 -26.83
N ASP A 30 29.58 11.87 -26.62
CA ASP A 30 29.14 10.52 -26.99
C ASP A 30 28.39 9.92 -25.81
N PRO A 31 27.85 8.70 -25.93
CA PRO A 31 27.28 8.04 -24.73
C PRO A 31 28.27 7.92 -23.59
N SER A 32 29.55 7.70 -23.87
CA SER A 32 30.56 7.58 -22.83
C SER A 32 30.97 8.93 -22.25
N GLY A 33 30.41 10.03 -22.75
CA GLY A 33 30.74 11.34 -22.22
C GLY A 33 32.16 11.78 -22.46
N ILE A 34 32.72 11.48 -23.63
CA ILE A 34 34.08 11.89 -23.97
C ILE A 34 34.01 13.28 -24.58
N THR A 35 35.10 14.03 -24.47
CA THR A 35 35.11 15.38 -24.97
C THR A 35 36.06 15.52 -26.16
N PRO A 36 35.80 16.46 -27.07
CA PRO A 36 36.71 16.64 -28.21
C PRO A 36 38.11 17.02 -27.81
N LEU A 37 38.29 17.74 -26.69
CA LEU A 37 39.62 18.01 -26.18
C LEU A 37 40.36 16.72 -25.85
N HIS A 38 39.65 15.74 -25.29
CA HIS A 38 40.26 14.45 -25.01
C HIS A 38 40.79 13.80 -26.28
N LEU A 39 39.98 13.78 -27.34
CA LEU A 39 40.41 13.16 -28.59
C LEU A 39 41.58 13.92 -29.20
N ALA A 40 41.53 15.25 -29.17
CA ALA A 40 42.62 16.04 -29.72
C ALA A 40 43.91 15.81 -28.96
N ALA A 41 43.84 15.74 -27.64
CA ALA A 41 45.02 15.45 -26.84
C ALA A 41 45.55 14.05 -27.13
N ASP A 42 44.64 13.08 -27.32
CA ASP A 42 45.05 11.72 -27.64
C ASP A 42 45.79 11.67 -28.98
N LYS A 43 45.28 12.40 -29.97
CA LYS A 43 45.91 12.42 -31.29
C LYS A 43 46.95 13.52 -31.46
N GLY A 44 47.12 14.38 -30.46
CA GLY A 44 48.17 15.39 -30.49
C GLY A 44 48.04 16.40 -31.62
N HIS A 45 46.82 16.84 -31.91
CA HIS A 45 46.58 17.88 -32.91
C HIS A 45 46.45 19.20 -32.18
N LEU A 46 47.60 19.84 -31.93
CA LEU A 46 47.66 21.03 -31.07
C LEU A 46 46.77 22.15 -31.59
N GLU A 47 46.71 22.31 -32.92
CA GLU A 47 45.92 23.40 -33.49
C GLU A 47 44.45 23.28 -33.14
N ILE A 48 43.90 22.07 -33.20
CA ILE A 48 42.51 21.87 -32.82
C ILE A 48 42.32 22.18 -31.34
N VAL A 49 43.28 21.81 -30.50
CA VAL A 49 43.15 22.07 -29.06
C VAL A 49 43.10 23.57 -28.81
N GLU A 50 44.04 24.33 -29.38
CA GLU A 50 44.07 25.77 -29.13
C GLU A 50 42.84 26.45 -29.74
N VAL A 51 42.42 26.02 -30.93
CA VAL A 51 41.24 26.59 -31.55
C VAL A 51 40.02 26.37 -30.65
N LEU A 52 39.84 25.13 -30.17
CA LEU A 52 38.69 24.82 -29.35
C LEU A 52 38.71 25.59 -28.03
N LEU A 53 39.88 25.69 -27.39
CA LEU A 53 39.95 26.43 -26.14
C LEU A 53 39.80 27.93 -26.35
N LYS A 54 40.01 28.42 -27.59
CA LYS A 54 39.79 29.83 -27.86
C LYS A 54 38.34 30.21 -27.61
N TYR A 55 37.39 29.36 -27.98
CA TYR A 55 35.98 29.62 -27.78
C TYR A 55 35.47 29.20 -26.41
N GLY A 56 36.33 28.62 -25.57
CA GLY A 56 35.93 28.25 -24.23
C GLY A 56 35.37 26.86 -24.10
N ALA A 57 36.12 25.86 -24.55
CA ALA A 57 35.70 24.48 -24.40
C ALA A 57 35.81 24.06 -22.93
N ASP A 58 35.21 22.91 -22.61
CA ASP A 58 35.17 22.44 -21.23
C ASP A 58 36.55 21.98 -20.78
N VAL A 59 37.32 22.89 -20.18
CA VAL A 59 38.70 22.58 -19.80
C VAL A 59 38.76 21.68 -18.57
N ASN A 60 37.68 21.62 -17.79
CA ASN A 60 37.62 20.77 -16.60
C ASN A 60 36.59 19.66 -16.77
N ALA A 61 36.36 19.22 -18.01
CA ALA A 61 35.35 18.21 -18.27
C ALA A 61 35.78 16.84 -17.76
N MET A 62 34.80 16.02 -17.43
CA MET A 62 35.04 14.66 -16.96
C MET A 62 34.11 13.69 -17.69
N ASP A 63 34.61 12.48 -17.91
CA ASP A 63 33.83 11.42 -18.55
C ASP A 63 33.13 10.59 -17.47
N VAL A 64 32.61 9.43 -17.87
CA VAL A 64 31.94 8.55 -16.91
C VAL A 64 32.90 8.10 -15.81
N TRP A 65 34.17 7.88 -16.15
CA TRP A 65 35.18 7.54 -15.16
C TRP A 65 35.79 8.78 -14.50
N GLY A 66 35.45 9.97 -14.95
CA GLY A 66 36.06 11.18 -14.44
C GLY A 66 37.40 11.51 -15.04
N ARG A 67 37.77 10.89 -16.16
CA ARG A 67 39.04 11.19 -16.80
C ARG A 67 39.08 12.65 -17.26
N THR A 68 40.20 13.31 -17.02
CA THR A 68 40.41 14.67 -17.44
C THR A 68 41.42 14.73 -18.58
N PRO A 69 41.29 15.70 -19.50
CA PRO A 69 42.19 15.73 -20.65
C PRO A 69 43.66 15.83 -20.27
N LEU A 70 43.96 16.48 -19.13
CA LEU A 70 45.33 16.51 -18.65
C LEU A 70 45.87 15.11 -18.41
N HIS A 71 45.05 14.23 -17.83
CA HIS A 71 45.50 12.87 -17.54
C HIS A 71 45.87 12.12 -18.82
N LEU A 72 44.97 12.09 -19.79
CA LEU A 72 45.26 11.38 -21.03
C LEU A 72 46.44 12.01 -21.76
N ALA A 73 46.47 13.35 -21.83
CA ALA A 73 47.55 14.02 -22.54
C ALA A 73 48.91 13.75 -21.89
N ALA A 74 48.94 13.63 -20.56
CA ALA A 74 50.16 13.21 -19.89
C ALA A 74 50.48 11.76 -20.19
N PHE A 75 49.45 10.91 -20.30
CA PHE A 75 49.67 9.50 -20.58
C PHE A 75 50.33 9.29 -21.93
N THR A 76 49.83 9.96 -22.97
CA THR A 76 50.41 9.79 -24.30
C THR A 76 51.83 10.34 -24.36
N GLY A 77 52.06 11.51 -23.76
CA GLY A 77 53.37 12.13 -23.82
C GLY A 77 53.46 13.27 -24.80
N HIS A 78 52.44 14.11 -24.83
CA HIS A 78 52.41 15.30 -25.67
C HIS A 78 52.82 16.52 -24.84
N LEU A 79 53.86 17.21 -25.29
CA LEU A 79 54.56 18.20 -24.46
C LEU A 79 53.83 19.53 -24.32
N GLU A 80 53.19 20.00 -25.38
CA GLU A 80 52.65 21.36 -25.35
C GLU A 80 51.16 21.42 -25.00
N ILE A 81 50.41 20.39 -25.33
CA ILE A 81 48.97 20.40 -25.02
C ILE A 81 48.75 20.43 -23.52
N VAL A 82 49.56 19.67 -22.77
CA VAL A 82 49.41 19.65 -21.32
C VAL A 82 49.66 21.04 -20.74
N GLU A 83 50.69 21.73 -21.22
CA GLU A 83 51.02 23.03 -20.62
C GLU A 83 50.05 24.11 -21.06
N VAL A 84 49.50 24.03 -22.27
CA VAL A 84 48.48 25.02 -22.64
C VAL A 84 47.20 24.78 -21.85
N LEU A 85 46.83 23.51 -21.63
CA LEU A 85 45.71 23.21 -20.75
C LEU A 85 45.95 23.76 -19.35
N LEU A 86 47.18 23.61 -18.85
CA LEU A 86 47.51 24.11 -17.52
C LEU A 86 47.41 25.63 -17.46
N LYS A 87 47.95 26.32 -18.48
CA LYS A 87 47.93 27.78 -18.46
C LYS A 87 46.51 28.32 -18.61
N TYR A 88 45.60 27.57 -19.24
CA TYR A 88 44.22 28.03 -19.25
C TYR A 88 43.61 27.98 -17.86
N GLY A 89 43.98 26.98 -17.05
CA GLY A 89 43.50 26.93 -15.68
C GLY A 89 42.74 25.67 -15.29
N ALA A 90 43.03 24.56 -15.96
CA ALA A 90 42.43 23.29 -15.58
C ALA A 90 42.98 22.80 -14.25
N ASP A 91 42.25 21.89 -13.62
CA ASP A 91 42.70 21.33 -12.35
C ASP A 91 43.89 20.41 -12.58
N VAL A 92 44.87 20.52 -11.68
CA VAL A 92 46.07 19.69 -11.75
C VAL A 92 46.05 18.56 -10.73
N ASN A 93 45.38 18.74 -9.59
CA ASN A 93 45.24 17.69 -8.60
C ASN A 93 44.02 16.81 -8.83
N ALA A 94 43.40 16.92 -10.00
CA ALA A 94 42.20 16.13 -10.29
C ALA A 94 42.51 14.63 -10.23
N CYS A 95 41.62 13.88 -9.61
CA CYS A 95 41.75 12.44 -9.51
C CYS A 95 40.42 11.80 -9.83
N ASP A 96 40.45 10.72 -10.61
CA ASP A 96 39.24 10.00 -10.99
C ASP A 96 38.77 9.13 -9.82
N LEU A 97 37.79 8.26 -10.07
CA LEU A 97 37.37 7.31 -9.05
C LEU A 97 38.53 6.42 -8.63
N ASN A 98 39.39 6.04 -9.58
CA ASN A 98 40.58 5.27 -9.25
C ASN A 98 41.62 6.11 -8.52
N GLY A 99 41.45 7.43 -8.49
CA GLY A 99 42.36 8.28 -7.76
C GLY A 99 43.72 8.48 -8.39
N TYR A 100 43.80 8.42 -9.72
CA TYR A 100 45.07 8.61 -10.42
C TYR A 100 45.34 10.09 -10.60
N THR A 101 46.45 10.57 -10.07
CA THR A 101 46.92 11.92 -10.29
C THR A 101 47.73 12.00 -11.56
N PRO A 102 47.78 13.17 -12.21
CA PRO A 102 48.62 13.30 -13.42
C PRO A 102 50.07 12.95 -13.19
N LEU A 103 50.59 13.24 -11.99
CA LEU A 103 51.96 12.82 -11.67
C LEU A 103 52.10 11.31 -11.74
N HIS A 104 51.04 10.57 -11.41
CA HIS A 104 51.11 9.12 -11.42
C HIS A 104 51.30 8.59 -12.85
N LEU A 105 50.49 9.07 -13.79
CA LEU A 105 50.68 8.68 -15.19
C LEU A 105 52.02 9.18 -15.71
N ALA A 106 52.42 10.39 -15.31
CA ALA A 106 53.70 10.94 -15.76
C ALA A 106 54.86 10.05 -15.35
N ALA A 107 54.85 9.57 -14.10
CA ALA A 107 55.87 8.64 -13.65
C ALA A 107 55.73 7.28 -14.32
N GLY A 108 54.50 6.83 -14.57
CA GLY A 108 54.30 5.53 -15.16
C GLY A 108 54.85 5.43 -16.57
N ARG A 109 54.65 6.47 -17.38
CA ARG A 109 55.07 6.46 -18.76
C ARG A 109 56.47 7.03 -18.97
N GLY A 110 57.17 7.37 -17.88
CA GLY A 110 58.53 7.87 -18.00
C GLY A 110 58.65 9.17 -18.76
N HIS A 111 57.75 10.12 -18.50
CA HIS A 111 57.79 11.45 -19.10
C HIS A 111 58.03 12.45 -17.98
N LEU A 112 59.11 13.23 -18.11
CA LEU A 112 59.61 14.01 -16.98
C LEU A 112 59.13 15.46 -17.00
N GLU A 113 59.17 16.11 -18.18
CA GLU A 113 58.87 17.54 -18.24
C GLU A 113 57.48 17.86 -17.72
N ILE A 114 56.51 16.96 -17.92
CA ILE A 114 55.16 17.21 -17.43
C ILE A 114 55.15 17.32 -15.92
N VAL A 115 55.98 16.53 -15.23
CA VAL A 115 56.01 16.58 -13.78
C VAL A 115 56.34 17.99 -13.30
N GLU A 116 57.41 18.58 -13.83
CA GLU A 116 57.79 19.90 -13.37
C GLU A 116 56.79 20.96 -13.82
N VAL A 117 56.21 20.81 -15.03
CA VAL A 117 55.30 21.86 -15.46
C VAL A 117 54.03 21.85 -14.60
N LEU A 118 53.56 20.66 -14.19
CA LEU A 118 52.49 20.63 -13.20
C LEU A 118 52.92 21.23 -11.88
N LEU A 119 54.14 20.91 -11.42
CA LEU A 119 54.59 21.41 -10.12
C LEU A 119 54.75 22.93 -10.12
N LYS A 120 54.92 23.54 -11.30
CA LYS A 120 55.15 24.98 -11.35
C LYS A 120 54.00 25.77 -10.72
N ASN A 121 52.76 25.40 -11.01
CA ASN A 121 51.61 26.15 -10.54
C ASN A 121 50.98 25.56 -9.29
N GLY A 122 51.65 24.59 -8.65
CA GLY A 122 51.17 24.07 -7.38
C GLY A 122 50.49 22.71 -7.46
N ALA A 123 51.07 21.78 -8.21
CA ALA A 123 50.58 20.41 -8.21
C ALA A 123 50.81 19.79 -6.84
N GLY A 124 49.87 18.94 -6.42
CA GLY A 124 49.94 18.34 -5.11
C GLY A 124 50.62 16.99 -5.07
N VAL A 125 51.54 16.81 -4.13
CA VAL A 125 52.23 15.53 -3.96
C VAL A 125 51.55 14.65 -2.91
N ASN A 126 50.41 15.09 -2.37
CA ASN A 126 49.70 14.37 -1.31
C ASN A 126 48.72 13.35 -1.86
N ALA A 127 48.96 12.83 -3.07
CA ALA A 127 48.04 11.86 -3.67
C ALA A 127 48.00 10.58 -2.85
N GLN A 128 46.81 10.01 -2.73
CA GLN A 128 46.59 8.78 -1.98
C GLN A 128 45.94 7.74 -2.88
N ASP A 129 46.63 6.62 -3.07
CA ASP A 129 46.09 5.49 -3.82
C ASP A 129 45.42 4.52 -2.86
N LYS A 130 45.16 3.30 -3.35
CA LYS A 130 44.57 2.26 -2.51
C LYS A 130 45.36 2.07 -1.22
N PHE A 131 46.69 2.15 -1.31
CA PHE A 131 47.54 2.12 -0.12
C PHE A 131 47.94 3.51 0.34
N GLY A 132 47.41 4.57 -0.28
CA GLY A 132 47.80 5.92 0.07
C GLY A 132 49.12 6.38 -0.52
N LYS A 133 49.69 5.62 -1.44
CA LYS A 133 51.01 5.92 -1.98
C LYS A 133 51.00 7.20 -2.80
N THR A 134 52.15 7.86 -2.85
CA THR A 134 52.35 9.08 -3.63
C THR A 134 53.17 8.76 -4.88
N ALA A 135 53.54 9.82 -5.60
CA ALA A 135 54.22 9.64 -6.88
C ALA A 135 55.66 9.17 -6.74
N PHE A 136 56.26 9.29 -5.54
CA PHE A 136 57.66 8.91 -5.37
C PHE A 136 57.87 7.43 -5.66
N ASP A 137 57.05 6.58 -5.02
CA ASP A 137 57.25 5.15 -5.14
C ASP A 137 56.95 4.66 -6.55
N ILE A 138 55.91 5.20 -7.19
CA ILE A 138 55.62 4.83 -8.57
C ILE A 138 56.75 5.28 -9.49
N SER A 139 57.30 6.48 -9.23
CA SER A 139 58.42 6.98 -10.02
C SER A 139 59.62 6.05 -9.92
N ILE A 140 59.89 5.52 -8.74
CA ILE A 140 60.96 4.53 -8.63
C ILE A 140 60.51 3.16 -9.17
N ASP A 141 59.20 2.92 -9.26
CA ASP A 141 58.71 1.63 -9.74
C ASP A 141 58.83 1.49 -11.25
N ASN A 142 58.70 2.60 -11.98
CA ASN A 142 58.64 2.53 -13.44
C ASN A 142 59.92 2.00 -14.08
N GLY A 143 60.94 1.65 -13.30
CA GLY A 143 62.21 1.21 -13.83
C GLY A 143 63.17 2.32 -14.19
N ASN A 144 62.79 3.57 -13.97
CA ASN A 144 63.63 4.73 -14.23
C ASN A 144 63.72 5.53 -12.93
N GLU A 145 64.82 5.35 -12.20
CA GLU A 145 65.00 6.05 -10.93
C GLU A 145 65.34 7.52 -11.11
N ASP A 146 65.81 7.92 -12.30
CA ASP A 146 66.20 9.31 -12.51
C ASP A 146 65.03 10.27 -12.37
N LEU A 147 63.79 9.75 -12.43
CA LEU A 147 62.63 10.59 -12.14
C LEU A 147 62.49 10.86 -10.65
N ALA A 148 62.72 9.82 -9.83
CA ALA A 148 62.31 9.87 -8.43
C ALA A 148 63.03 10.97 -7.64
N GLU A 149 64.33 11.12 -7.84
CA GLU A 149 65.07 12.11 -7.05
C GLU A 149 64.62 13.52 -7.38
N ILE A 150 64.06 13.75 -8.56
CA ILE A 150 63.57 15.09 -8.91
C ILE A 150 62.36 15.44 -8.06
N LEU A 151 61.38 14.55 -7.97
CA LEU A 151 60.25 14.82 -7.07
C LEU A 151 60.69 14.85 -5.62
N GLN A 152 61.73 14.09 -5.27
CA GLN A 152 62.28 14.18 -3.92
C GLN A 152 62.84 15.57 -3.66
N SER A 153 63.48 16.18 -4.66
CA SER A 153 64.13 17.46 -4.47
C SER A 153 63.24 18.63 -4.86
N SER A 154 62.20 18.40 -5.66
CA SER A 154 61.32 19.48 -6.09
C SER A 154 60.30 19.87 -5.02
N SER A 155 60.25 19.16 -3.91
CA SER A 155 59.31 19.48 -2.83
C SER A 155 59.65 20.81 -2.19
N LEU B 6 -4.44 -17.89 -3.18
CA LEU B 6 -3.79 -19.18 -3.11
C LEU B 6 -2.34 -19.09 -3.59
N CYS B 7 -2.05 -18.08 -4.41
CA CYS B 7 -0.66 -17.82 -4.78
C CYS B 7 0.08 -17.16 -3.62
N PRO B 8 1.24 -17.67 -3.27
CA PRO B 8 1.98 -17.11 -2.12
C PRO B 8 2.53 -15.73 -2.41
N PHE B 9 1.65 -14.73 -2.44
CA PHE B 9 2.09 -13.36 -2.69
C PHE B 9 2.87 -12.79 -1.52
N GLY B 10 2.81 -13.42 -0.35
CA GLY B 10 3.60 -12.95 0.76
C GLY B 10 5.10 -13.12 0.53
N GLU B 11 5.50 -14.27 -0.01
CA GLU B 11 6.92 -14.54 -0.19
C GLU B 11 7.58 -13.54 -1.12
N VAL B 12 6.94 -13.24 -2.26
CA VAL B 12 7.51 -12.27 -3.17
C VAL B 12 7.48 -10.85 -2.59
N PHE B 13 6.43 -10.51 -1.85
CA PHE B 13 6.25 -9.16 -1.33
C PHE B 13 6.88 -8.96 0.05
N ASN B 14 6.66 -9.90 0.98
CA ASN B 14 7.06 -9.73 2.37
C ASN B 14 8.37 -10.48 2.69
N ALA B 15 9.27 -10.56 1.72
CA ALA B 15 10.51 -11.29 1.94
C ALA B 15 11.48 -10.50 2.81
N THR B 16 12.67 -11.05 3.01
CA THR B 16 13.69 -10.43 3.84
C THR B 16 14.91 -9.96 3.05
N ARG B 17 15.44 -10.81 2.17
CA ARG B 17 16.65 -10.50 1.41
C ARG B 17 16.29 -10.28 -0.05
N PHE B 18 16.58 -9.08 -0.55
CA PHE B 18 16.43 -8.74 -1.96
C PHE B 18 17.82 -8.57 -2.56
N ALA B 19 18.06 -9.20 -3.70
CA ALA B 19 19.35 -9.07 -4.34
C ALA B 19 19.45 -7.75 -5.09
N SER B 20 20.67 -7.42 -5.53
CA SER B 20 20.94 -6.16 -6.19
C SER B 20 20.35 -6.15 -7.61
N VAL B 21 20.41 -4.98 -8.24
CA VAL B 21 19.78 -4.81 -9.55
C VAL B 21 20.45 -5.69 -10.60
N TYR B 22 21.77 -5.82 -10.55
CA TYR B 22 22.45 -6.66 -11.52
C TYR B 22 22.25 -8.14 -11.25
N ALA B 23 21.70 -8.49 -10.09
CA ALA B 23 21.36 -9.86 -9.77
C ALA B 23 19.88 -9.95 -9.42
N TRP B 24 19.05 -9.30 -10.24
CA TRP B 24 17.62 -9.26 -10.01
C TRP B 24 17.04 -10.68 -9.98
N ASN B 25 16.06 -10.87 -9.10
CA ASN B 25 15.55 -12.19 -8.77
C ASN B 25 14.31 -12.51 -9.60
N ARG B 26 14.37 -13.60 -10.35
CA ARG B 26 13.20 -14.11 -11.04
C ARG B 26 12.26 -14.78 -10.03
N LYS B 27 10.95 -14.62 -10.24
CA LYS B 27 9.95 -15.25 -9.39
C LYS B 27 8.78 -15.65 -10.30
N ARG B 28 8.82 -16.86 -10.83
CA ARG B 28 7.73 -17.34 -11.67
C ARG B 28 6.64 -17.93 -10.78
N ILE B 29 5.39 -17.72 -11.18
CA ILE B 29 4.25 -17.98 -10.30
C ILE B 29 3.03 -18.33 -11.14
N SER B 30 2.35 -19.41 -10.75
CA SER B 30 1.14 -19.87 -11.44
C SER B 30 0.48 -20.91 -10.55
N ASN B 31 -0.61 -21.50 -11.07
CA ASN B 31 -1.31 -22.61 -10.43
C ASN B 31 -1.85 -22.21 -9.04
N CYS B 32 -2.77 -21.25 -9.06
CA CYS B 32 -3.39 -20.81 -7.83
C CYS B 32 -4.78 -20.27 -8.12
N VAL B 33 -5.36 -19.60 -7.13
CA VAL B 33 -6.28 -18.50 -7.31
C VAL B 33 -5.70 -17.31 -6.58
N ALA B 34 -5.53 -16.20 -7.29
CA ALA B 34 -4.80 -15.05 -6.77
C ALA B 34 -5.78 -13.95 -6.39
N ASP B 35 -5.60 -13.39 -5.19
CA ASP B 35 -6.47 -12.35 -4.67
C ASP B 35 -5.69 -11.04 -4.74
N TYR B 36 -6.31 -10.02 -5.32
CA TYR B 36 -5.65 -8.74 -5.55
C TYR B 36 -6.10 -7.66 -4.58
N SER B 37 -7.06 -7.95 -3.70
CA SER B 37 -7.54 -6.94 -2.77
C SER B 37 -6.44 -6.48 -1.82
N VAL B 38 -5.47 -7.34 -1.52
CA VAL B 38 -4.34 -6.92 -0.70
C VAL B 38 -3.51 -5.88 -1.44
N LEU B 39 -3.38 -6.04 -2.76
CA LEU B 39 -2.71 -5.02 -3.56
C LEU B 39 -3.59 -3.80 -3.81
N TYR B 40 -4.90 -3.94 -3.66
CA TYR B 40 -5.82 -2.85 -3.96
C TYR B 40 -5.56 -1.65 -3.05
N ASN B 41 -5.49 -1.89 -1.74
CA ASN B 41 -5.59 -0.85 -0.73
C ASN B 41 -4.59 -1.07 0.39
N SER B 42 -3.35 -1.42 0.04
CA SER B 42 -2.35 -1.68 1.07
C SER B 42 -1.98 -0.43 1.87
N ALA B 43 -2.30 0.77 1.36
CA ALA B 43 -2.08 2.02 2.06
C ALA B 43 -0.62 2.26 2.42
N SER B 44 0.30 1.55 1.76
CA SER B 44 1.72 1.72 2.00
C SER B 44 2.55 1.91 0.74
N PHE B 45 2.12 1.39 -0.41
CA PHE B 45 2.84 1.62 -1.66
C PHE B 45 2.63 3.06 -2.10
N SER B 46 3.72 3.73 -2.46
CA SER B 46 3.63 5.14 -2.83
C SER B 46 3.63 5.36 -4.33
N THR B 47 3.97 4.35 -5.14
CA THR B 47 4.11 4.52 -6.58
C THR B 47 3.45 3.35 -7.32
N PHE B 48 2.21 3.04 -6.96
CA PHE B 48 1.46 2.02 -7.69
C PHE B 48 1.07 2.60 -9.04
N LYS B 49 1.67 2.06 -10.11
CA LYS B 49 1.43 2.51 -11.46
C LYS B 49 1.29 1.29 -12.35
N CYS B 50 0.36 1.35 -13.30
CA CYS B 50 0.02 0.14 -14.05
C CYS B 50 -0.28 0.51 -15.50
N TYR B 51 0.24 -0.30 -16.43
CA TYR B 51 0.15 -0.02 -17.85
C TYR B 51 -0.69 -1.08 -18.55
N GLY B 52 -1.38 -0.66 -19.60
CA GLY B 52 -2.09 -1.57 -20.47
C GLY B 52 -3.34 -2.18 -19.86
N VAL B 53 -3.17 -2.87 -18.73
CA VAL B 53 -4.25 -3.57 -18.06
C VAL B 53 -4.44 -2.96 -16.67
N SER B 54 -5.67 -2.62 -16.36
CA SER B 54 -6.00 -2.10 -15.04
C SER B 54 -6.03 -3.24 -14.02
N PRO B 55 -5.69 -2.97 -12.77
CA PRO B 55 -5.82 -4.00 -11.73
C PRO B 55 -7.18 -4.02 -11.05
N THR B 56 -8.00 -3.01 -11.25
CA THR B 56 -9.34 -3.00 -10.66
C THR B 56 -10.28 -3.96 -11.38
N LYS B 57 -9.94 -4.38 -12.60
CA LYS B 57 -10.89 -5.08 -13.45
C LYS B 57 -10.34 -6.38 -14.03
N LEU B 58 -9.09 -6.74 -13.71
CA LEU B 58 -8.54 -7.99 -14.23
C LEU B 58 -9.10 -9.23 -13.55
N ASN B 59 -9.90 -9.06 -12.49
CA ASN B 59 -10.41 -10.21 -11.75
C ASN B 59 -11.15 -11.18 -12.65
N ASP B 60 -11.85 -10.65 -13.66
CA ASP B 60 -12.64 -11.51 -14.54
C ASP B 60 -11.72 -12.41 -15.37
N LEU B 61 -10.73 -11.81 -16.02
CA LEU B 61 -9.89 -12.54 -16.96
C LEU B 61 -8.73 -13.22 -16.24
N CYS B 62 -8.16 -14.24 -16.87
CA CYS B 62 -7.15 -15.06 -16.21
C CYS B 62 -6.37 -15.86 -17.23
N PHE B 63 -5.05 -15.65 -17.27
CA PHE B 63 -4.14 -16.45 -18.09
C PHE B 63 -3.00 -17.02 -17.27
N THR B 64 -2.04 -17.67 -17.94
CA THR B 64 -0.74 -17.98 -17.36
C THR B 64 0.17 -16.77 -17.48
N ASN B 65 1.47 -16.98 -17.31
CA ASN B 65 2.49 -15.94 -17.52
C ASN B 65 2.25 -14.74 -16.60
N VAL B 66 2.42 -15.02 -15.31
CA VAL B 66 2.31 -13.99 -14.29
C VAL B 66 3.74 -13.67 -13.84
N TYR B 67 4.67 -13.84 -14.78
CA TYR B 67 6.08 -13.50 -14.61
C TYR B 67 6.23 -12.18 -13.87
N ALA B 68 6.93 -12.23 -12.74
CA ALA B 68 7.05 -11.08 -11.86
C ALA B 68 8.37 -11.17 -11.12
N ASP B 69 8.99 -10.03 -10.88
CA ASP B 69 10.31 -10.00 -10.25
C ASP B 69 10.42 -8.78 -9.36
N SER B 70 11.55 -8.70 -8.64
CA SER B 70 11.74 -7.67 -7.63
C SER B 70 13.23 -7.46 -7.38
N PHE B 71 13.54 -6.30 -6.83
CA PHE B 71 14.90 -5.91 -6.45
C PHE B 71 14.82 -4.67 -5.57
N VAL B 72 15.97 -4.07 -5.30
CA VAL B 72 16.08 -2.84 -4.52
C VAL B 72 16.91 -1.85 -5.33
N ILE B 73 16.50 -0.59 -5.33
CA ILE B 73 17.12 0.40 -6.20
C ILE B 73 17.03 1.78 -5.55
N ARG B 74 18.06 2.59 -5.78
CA ARG B 74 18.06 4.00 -5.43
C ARG B 74 16.75 4.67 -5.84
N GLY B 75 16.30 5.60 -5.01
CA GLY B 75 14.92 6.07 -5.09
C GLY B 75 14.60 6.82 -6.37
N ASP B 76 15.48 7.73 -6.79
CA ASP B 76 15.14 8.68 -7.84
C ASP B 76 14.78 7.97 -9.14
N GLU B 77 15.59 6.99 -9.54
CA GLU B 77 15.43 6.33 -10.82
C GLU B 77 14.26 5.34 -10.87
N VAL B 78 13.40 5.32 -9.84
CA VAL B 78 12.21 4.47 -9.91
C VAL B 78 11.29 4.92 -11.03
N ARG B 79 11.42 6.16 -11.48
CA ARG B 79 10.70 6.62 -12.65
C ARG B 79 11.26 6.03 -13.93
N GLN B 80 12.55 5.70 -13.97
CA GLN B 80 13.21 5.26 -15.19
C GLN B 80 12.77 3.87 -15.65
N ILE B 81 12.02 3.13 -14.83
CA ILE B 81 11.52 1.82 -15.22
C ILE B 81 10.16 2.05 -15.85
N ALA B 82 10.15 2.23 -17.18
CA ALA B 82 8.95 2.40 -17.98
C ALA B 82 9.31 2.12 -19.42
N PRO B 83 8.43 1.46 -20.19
CA PRO B 83 8.75 1.20 -21.59
C PRO B 83 8.96 2.49 -22.38
N GLY B 84 9.89 2.45 -23.32
CA GLY B 84 10.19 3.61 -24.12
C GLY B 84 10.87 4.74 -23.38
N GLN B 85 11.43 4.46 -22.20
CA GLN B 85 12.10 5.47 -21.40
C GLN B 85 13.57 5.09 -21.26
N THR B 86 14.45 6.08 -21.40
CA THR B 86 15.89 5.85 -21.39
C THR B 86 16.51 6.42 -20.12
N GLY B 87 17.68 5.89 -19.80
CA GLY B 87 18.38 6.31 -18.59
C GLY B 87 19.66 5.50 -18.42
N LYS B 88 20.26 5.64 -17.23
CA LYS B 88 21.50 4.92 -16.93
C LYS B 88 21.15 3.47 -16.58
N ILE B 89 20.43 3.27 -15.47
CA ILE B 89 20.06 1.92 -15.09
C ILE B 89 18.94 1.40 -16.00
N ALA B 90 18.12 2.31 -16.54
CA ALA B 90 17.04 1.91 -17.40
C ALA B 90 17.56 1.21 -18.65
N ASP B 91 18.60 1.77 -19.24
CA ASP B 91 19.26 1.14 -20.37
C ASP B 91 20.15 -0.01 -19.93
N TYR B 92 20.82 0.11 -18.79
CA TYR B 92 22.09 -0.57 -18.62
C TYR B 92 22.06 -1.77 -17.68
N ASN B 93 21.07 -1.88 -16.79
CA ASN B 93 20.94 -3.03 -15.90
C ASN B 93 19.65 -3.81 -16.11
N TYR B 94 18.51 -3.14 -16.24
CA TYR B 94 17.23 -3.82 -16.47
C TYR B 94 16.35 -2.89 -17.28
N LYS B 95 15.95 -3.33 -18.47
CA LYS B 95 15.16 -2.51 -19.38
C LYS B 95 13.91 -3.28 -19.80
N LEU B 96 12.77 -2.63 -19.70
CA LEU B 96 11.52 -3.22 -20.16
C LEU B 96 11.50 -3.21 -21.69
N PRO B 97 10.74 -4.12 -22.31
CA PRO B 97 10.49 -4.01 -23.75
C PRO B 97 9.51 -2.88 -24.03
N ASP B 98 9.15 -2.76 -25.30
CA ASP B 98 8.05 -1.87 -25.68
C ASP B 98 6.75 -2.62 -25.44
N ASP B 99 5.65 -2.09 -25.97
CA ASP B 99 4.29 -2.63 -25.91
C ASP B 99 4.03 -3.35 -24.57
N PHE B 100 4.19 -2.62 -23.47
CA PHE B 100 4.13 -3.19 -22.14
C PHE B 100 2.71 -3.68 -21.80
N THR B 101 2.64 -4.59 -20.84
CA THR B 101 1.37 -5.06 -20.29
C THR B 101 1.45 -5.25 -18.78
N GLY B 102 2.56 -4.89 -18.15
CA GLY B 102 2.78 -5.21 -16.75
C GLY B 102 2.25 -4.17 -15.78
N CYS B 103 2.86 -4.17 -14.60
CA CYS B 103 2.34 -3.38 -13.47
C CYS B 103 3.47 -3.20 -12.46
N VAL B 104 3.87 -1.95 -12.22
CA VAL B 104 5.02 -1.66 -11.36
C VAL B 104 4.52 -1.25 -9.98
N ILE B 105 5.23 -1.72 -8.94
CA ILE B 105 4.96 -1.35 -7.56
C ILE B 105 6.28 -1.09 -6.87
N ALA B 106 6.34 -0.05 -6.04
CA ALA B 106 7.54 0.27 -5.30
C ALA B 106 7.17 0.91 -3.97
N TRP B 107 8.05 0.75 -2.98
CA TRP B 107 7.79 1.38 -1.69
C TRP B 107 9.10 1.58 -0.93
N ASN B 108 9.03 2.49 0.04
CA ASN B 108 10.22 2.87 0.79
C ASN B 108 10.52 1.85 1.88
N SER B 109 11.82 1.54 2.05
CA SER B 109 12.29 0.64 3.09
C SER B 109 13.55 1.18 3.73
N ASN B 110 13.62 2.51 3.89
CA ASN B 110 14.81 3.13 4.49
C ASN B 110 15.02 2.67 5.92
N ASN B 111 13.95 2.31 6.62
CA ASN B 111 14.04 2.05 8.05
C ASN B 111 14.91 0.84 8.38
N LEU B 112 15.04 -0.11 7.46
CA LEU B 112 15.74 -1.35 7.78
C LEU B 112 16.93 -1.64 6.87
N ASP B 113 16.87 -1.27 5.60
CA ASP B 113 17.93 -1.65 4.65
C ASP B 113 18.97 -0.53 4.53
N SER B 114 19.56 -0.18 5.67
CA SER B 114 20.62 0.82 5.72
C SER B 114 21.27 0.78 7.10
N LYS B 115 22.57 1.02 7.14
CA LYS B 115 23.33 0.98 8.37
C LYS B 115 24.33 2.13 8.32
N VAL B 116 24.44 2.87 9.43
CA VAL B 116 25.28 4.06 9.45
C VAL B 116 26.69 3.72 8.95
N GLY B 117 27.30 4.69 8.25
CA GLY B 117 28.61 4.49 7.66
C GLY B 117 28.60 3.92 6.26
N GLY B 118 27.44 3.51 5.75
CA GLY B 118 27.35 2.97 4.41
C GLY B 118 27.23 1.46 4.39
N ASN B 119 26.13 0.95 3.84
CA ASN B 119 25.93 -0.49 3.68
C ASN B 119 26.39 -0.85 2.27
N TYR B 120 27.64 -1.31 2.16
CA TYR B 120 28.24 -1.61 0.87
C TYR B 120 27.96 -3.08 0.51
N ASN B 121 26.70 -3.34 0.14
CA ASN B 121 26.32 -4.69 -0.24
C ASN B 121 25.60 -4.68 -1.59
N TYR B 122 24.97 -3.57 -1.92
CA TYR B 122 24.19 -3.45 -3.14
C TYR B 122 25.02 -2.73 -4.19
N LEU B 123 25.27 -3.40 -5.32
CA LEU B 123 26.07 -2.85 -6.40
C LEU B 123 25.23 -2.74 -7.67
N TYR B 124 25.80 -2.09 -8.68
CA TYR B 124 25.13 -1.93 -9.96
C TYR B 124 26.15 -1.65 -11.04
N ARG B 125 25.90 -2.19 -12.24
CA ARG B 125 26.80 -1.98 -13.36
C ARG B 125 26.80 -0.52 -13.78
N LEU B 126 27.91 -0.09 -14.37
CA LEU B 126 28.04 1.29 -14.81
C LEU B 126 28.21 1.45 -16.31
N PHE B 127 28.84 0.50 -17.00
CA PHE B 127 29.00 0.62 -18.44
C PHE B 127 29.04 -0.77 -19.08
N ARG B 128 28.87 -0.76 -20.39
CA ARG B 128 28.76 -1.95 -21.23
C ARG B 128 28.97 -1.50 -22.66
N LYS B 129 29.68 -2.32 -23.44
CA LYS B 129 29.96 -1.94 -24.83
C LYS B 129 28.68 -1.78 -25.62
N SER B 130 27.81 -2.78 -25.58
CA SER B 130 26.55 -2.75 -26.31
C SER B 130 25.44 -2.23 -25.39
N ASN B 131 24.18 -2.40 -25.79
CA ASN B 131 23.03 -2.14 -24.94
C ASN B 131 22.14 -3.38 -24.94
N LEU B 132 21.66 -3.74 -23.75
CA LEU B 132 21.06 -5.06 -23.57
C LEU B 132 19.70 -5.16 -24.27
N LYS B 133 19.33 -6.39 -24.60
CA LYS B 133 17.99 -6.65 -25.11
C LYS B 133 16.99 -6.68 -23.95
N PRO B 134 15.71 -6.42 -24.23
CA PRO B 134 14.70 -6.43 -23.16
C PRO B 134 14.64 -7.77 -22.44
N PHE B 135 14.45 -7.70 -21.12
CA PHE B 135 14.18 -8.86 -20.28
C PHE B 135 15.27 -9.94 -20.41
N GLU B 136 16.53 -9.51 -20.41
CA GLU B 136 17.64 -10.44 -20.38
C GLU B 136 18.62 -10.00 -19.30
N ARG B 137 19.28 -10.98 -18.69
CA ARG B 137 20.17 -10.76 -17.56
C ARG B 137 21.61 -11.02 -17.97
N ASP B 138 22.49 -10.12 -17.59
CA ASP B 138 23.93 -10.27 -17.77
C ASP B 138 24.63 -10.04 -16.45
N ILE B 139 25.37 -11.05 -15.97
CA ILE B 139 26.17 -10.93 -14.77
C ILE B 139 27.61 -11.29 -15.12
N SER B 140 28.54 -10.38 -14.85
CA SER B 140 29.92 -10.56 -15.24
C SER B 140 30.81 -9.55 -14.53
N THR B 141 31.89 -10.04 -13.90
CA THR B 141 32.73 -9.21 -13.05
C THR B 141 34.11 -8.96 -13.65
N GLU B 142 34.36 -9.40 -14.88
CA GLU B 142 35.68 -9.21 -15.48
C GLU B 142 35.92 -7.72 -15.75
N ILE B 143 37.20 -7.39 -15.92
CA ILE B 143 37.62 -5.99 -16.00
C ILE B 143 37.21 -5.39 -17.34
N TYR B 144 37.20 -4.06 -17.38
CA TYR B 144 36.95 -3.30 -18.60
C TYR B 144 38.26 -2.71 -19.09
N GLN B 145 38.57 -2.97 -20.36
CA GLN B 145 39.78 -2.46 -21.00
C GLN B 145 39.43 -1.22 -21.81
N ALA B 146 39.84 -0.05 -21.31
CA ALA B 146 39.43 1.20 -21.93
C ALA B 146 40.14 1.42 -23.27
N GLY B 147 41.45 1.20 -23.31
CA GLY B 147 42.23 1.54 -24.49
C GLY B 147 43.03 0.42 -25.11
N SER B 148 44.14 0.78 -25.76
CA SER B 148 44.94 -0.14 -26.57
C SER B 148 45.91 -0.97 -25.74
N THR B 149 45.75 -1.02 -24.42
CA THR B 149 46.65 -1.78 -23.57
C THR B 149 46.09 -3.18 -23.35
N PRO B 150 46.79 -4.25 -23.77
CA PRO B 150 46.31 -5.60 -23.46
C PRO B 150 46.28 -5.85 -21.96
N CYS B 151 45.08 -6.03 -21.41
CA CYS B 151 44.89 -6.27 -19.99
C CYS B 151 44.27 -7.64 -19.80
N ASN B 152 44.91 -8.49 -18.99
CA ASN B 152 44.47 -9.87 -18.80
C ASN B 152 43.68 -10.06 -17.51
N GLY B 153 44.28 -9.74 -16.36
CA GLY B 153 43.59 -9.88 -15.09
C GLY B 153 43.97 -8.83 -14.08
N VAL B 154 44.74 -7.83 -14.52
CA VAL B 154 45.27 -6.81 -13.64
C VAL B 154 44.43 -5.54 -13.79
N GLU B 155 44.53 -4.65 -12.80
CA GLU B 155 43.83 -3.37 -12.81
C GLU B 155 44.84 -2.27 -13.12
N GLY B 156 44.48 -1.36 -14.02
CA GLY B 156 45.39 -0.33 -14.45
C GLY B 156 44.75 0.95 -14.93
N PHE B 157 45.54 1.79 -15.59
CA PHE B 157 45.06 3.07 -16.09
C PHE B 157 43.91 2.93 -17.09
N ASN B 158 43.82 1.81 -17.79
CA ASN B 158 42.70 1.55 -18.68
C ASN B 158 41.92 0.30 -18.30
N CYS B 159 42.31 -0.40 -17.24
CA CYS B 159 41.58 -1.56 -16.74
C CYS B 159 40.80 -1.13 -15.51
N TYR B 160 39.46 -1.23 -15.58
CA TYR B 160 38.58 -0.69 -14.56
C TYR B 160 37.57 -1.75 -14.13
N PHE B 161 37.22 -1.72 -12.84
CA PHE B 161 36.23 -2.64 -12.31
C PHE B 161 34.84 -2.16 -12.71
N PRO B 162 34.06 -2.94 -13.47
CA PRO B 162 32.75 -2.46 -13.92
C PRO B 162 31.77 -2.26 -12.77
N LEU B 163 31.58 -3.27 -11.94
CA LEU B 163 30.61 -3.18 -10.85
C LEU B 163 31.05 -2.15 -9.82
N GLN B 164 30.11 -1.31 -9.39
CA GLN B 164 30.38 -0.26 -8.41
C GLN B 164 29.34 -0.35 -7.30
N SER B 165 29.77 0.00 -6.09
CA SER B 165 28.94 -0.15 -4.90
C SER B 165 28.10 1.09 -4.66
N TYR B 166 26.90 0.86 -4.11
CA TYR B 166 26.00 1.95 -3.77
C TYR B 166 26.38 2.56 -2.42
N GLY B 167 25.79 3.71 -2.13
CA GLY B 167 25.95 4.32 -0.83
C GLY B 167 24.62 4.60 -0.17
N PHE B 168 24.34 3.91 0.94
CA PHE B 168 23.07 4.02 1.64
C PHE B 168 23.32 4.54 3.05
N GLN B 169 22.64 5.62 3.41
CA GLN B 169 22.78 6.24 4.72
C GLN B 169 21.39 6.41 5.33
N PRO B 170 21.27 6.27 6.66
CA PRO B 170 19.97 6.54 7.29
C PRO B 170 19.52 7.98 7.12
N THR B 171 20.45 8.93 7.09
CA THR B 171 20.13 10.34 6.93
C THR B 171 20.38 10.84 5.52
N ASN B 172 20.23 9.95 4.53
CA ASN B 172 20.45 10.34 3.14
C ASN B 172 19.33 11.25 2.65
N GLY B 173 19.45 11.69 1.41
CA GLY B 173 18.45 12.56 0.81
C GLY B 173 17.14 11.82 0.59
N VAL B 174 16.08 12.63 0.45
CA VAL B 174 14.72 12.08 0.39
C VAL B 174 14.53 11.13 -0.79
N GLY B 175 15.43 11.17 -1.78
CA GLY B 175 15.40 10.19 -2.84
C GLY B 175 16.56 9.22 -2.74
N TYR B 176 17.51 9.52 -1.85
CA TYR B 176 18.72 8.72 -1.75
C TYR B 176 18.53 7.43 -0.98
N GLN B 177 17.40 7.26 -0.26
CA GLN B 177 17.14 5.98 0.37
C GLN B 177 16.82 4.94 -0.69
N PRO B 178 17.19 3.68 -0.46
CA PRO B 178 16.86 2.62 -1.43
C PRO B 178 15.45 2.09 -1.23
N TYR B 179 14.67 2.17 -2.31
CA TYR B 179 13.31 1.65 -2.34
C TYR B 179 13.33 0.20 -2.79
N ARG B 180 12.31 -0.56 -2.38
CA ARG B 180 12.11 -1.89 -2.93
C ARG B 180 11.11 -1.80 -4.08
N VAL B 181 11.38 -2.55 -5.14
CA VAL B 181 10.58 -2.51 -6.36
C VAL B 181 10.20 -3.93 -6.72
N VAL B 182 8.92 -4.15 -7.01
CA VAL B 182 8.45 -5.40 -7.58
C VAL B 182 7.54 -5.07 -8.75
N VAL B 183 7.81 -5.68 -9.90
CA VAL B 183 6.99 -5.48 -11.08
C VAL B 183 6.40 -6.81 -11.49
N LEU B 184 5.10 -6.81 -11.75
CA LEU B 184 4.38 -7.96 -12.26
C LEU B 184 4.17 -7.78 -13.75
N SER B 185 3.90 -8.88 -14.44
CA SER B 185 3.77 -8.84 -15.89
C SER B 185 2.79 -9.94 -16.30
N PHE B 186 1.59 -9.53 -16.71
CA PHE B 186 0.52 -10.45 -17.07
C PHE B 186 0.45 -10.55 -18.59
N GLU B 187 0.68 -11.76 -19.12
CA GLU B 187 0.61 -12.00 -20.55
C GLU B 187 -0.18 -13.28 -20.80
N LEU B 188 -0.17 -13.73 -22.05
CA LEU B 188 -0.93 -14.90 -22.47
C LEU B 188 -0.21 -15.58 -23.61
N LEU B 189 -0.54 -16.84 -23.83
CA LEU B 189 -0.02 -17.59 -24.97
C LEU B 189 -1.17 -18.45 -25.52
N HIS B 190 -1.20 -18.60 -26.84
CA HIS B 190 -2.27 -19.33 -27.49
C HIS B 190 -2.26 -20.82 -27.17
N ALA B 191 -1.19 -21.32 -26.56
CA ALA B 191 -1.11 -22.73 -26.22
C ALA B 191 -2.16 -23.10 -25.16
N PRO B 192 -2.76 -24.28 -25.26
CA PRO B 192 -3.69 -24.73 -24.23
C PRO B 192 -3.03 -24.95 -22.88
N ALA B 193 -3.80 -25.47 -21.92
CA ALA B 193 -3.37 -25.62 -20.53
C ALA B 193 -3.09 -24.26 -19.89
N THR B 194 -4.05 -23.35 -20.03
CA THR B 194 -3.93 -21.99 -19.51
C THR B 194 -4.50 -21.96 -18.10
N VAL B 195 -3.62 -22.02 -17.10
CA VAL B 195 -4.03 -21.94 -15.71
C VAL B 195 -4.49 -20.52 -15.40
N CYS B 196 -5.62 -20.40 -14.73
CA CYS B 196 -6.22 -19.11 -14.45
C CYS B 196 -5.71 -18.57 -13.11
N GLY B 197 -6.33 -17.50 -12.63
CA GLY B 197 -5.94 -16.89 -11.37
C GLY B 197 -7.01 -15.98 -10.80
N GLU C 1 25.44 -21.52 17.33
CA GLU C 1 24.95 -20.39 16.56
C GLU C 1 25.08 -19.08 17.33
N ILE C 2 23.95 -18.47 17.66
CA ILE C 2 23.90 -17.17 18.31
C ILE C 2 23.39 -17.37 19.73
N VAL C 3 24.13 -16.86 20.70
CA VAL C 3 23.69 -16.90 22.08
C VAL C 3 22.71 -15.77 22.33
N LEU C 4 21.78 -15.99 23.26
CA LEU C 4 20.74 -15.00 23.54
C LEU C 4 20.37 -15.10 25.01
N THR C 5 20.58 -14.01 25.75
CA THR C 5 20.19 -13.92 27.15
C THR C 5 19.54 -12.57 27.37
N GLN C 6 18.33 -12.58 27.94
CA GLN C 6 17.59 -11.33 28.11
C GLN C 6 18.12 -10.55 29.32
N SER C 7 17.99 -11.14 30.51
CA SER C 7 18.51 -10.63 31.78
C SER C 7 17.87 -9.30 32.19
N PRO C 8 17.53 -9.12 33.47
CA PRO C 8 17.55 -10.12 34.55
C PRO C 8 16.44 -11.15 34.40
N GLY C 9 16.57 -12.30 35.06
CA GLY C 9 15.53 -13.32 34.98
C GLY C 9 14.23 -12.94 35.64
N THR C 10 14.24 -11.96 36.53
CA THR C 10 13.05 -11.49 37.20
C THR C 10 12.99 -9.97 37.08
N LEU C 11 11.86 -9.47 36.58
CA LEU C 11 11.64 -8.03 36.42
C LEU C 11 10.43 -7.59 37.24
N SER C 12 10.38 -8.03 38.49
CA SER C 12 9.26 -7.69 39.37
C SER C 12 9.09 -6.18 39.45
N LEU C 13 7.94 -5.70 39.02
CA LEU C 13 7.60 -4.28 39.07
C LEU C 13 6.20 -4.09 39.66
N SER C 14 6.00 -2.96 40.31
CA SER C 14 4.69 -2.63 40.84
C SER C 14 3.73 -2.32 39.69
N PRO C 15 2.43 -2.63 39.87
CA PRO C 15 1.46 -2.27 38.83
C PRO C 15 1.37 -0.76 38.65
N GLY C 16 1.13 -0.35 37.42
CA GLY C 16 1.06 1.07 37.09
C GLY C 16 2.40 1.69 36.82
N GLU C 17 3.21 1.05 36.00
CA GLU C 17 4.54 1.54 35.65
C GLU C 17 4.85 1.16 34.21
N ARG C 18 6.11 1.35 33.82
CA ARG C 18 6.58 1.02 32.48
C ARG C 18 7.59 -0.11 32.56
N ALA C 19 7.53 -1.02 31.60
CA ALA C 19 8.44 -2.15 31.52
C ALA C 19 9.24 -2.06 30.24
N THR C 20 10.56 -2.19 30.36
CA THR C 20 11.47 -2.12 29.21
C THR C 20 12.36 -3.35 29.21
N LEU C 21 11.89 -4.40 28.56
CA LEU C 21 12.66 -5.64 28.45
C LEU C 21 13.75 -5.48 27.40
N SER C 22 14.93 -6.01 27.70
CA SER C 22 16.10 -5.90 26.83
C SER C 22 16.52 -7.29 26.36
N CYS C 23 16.68 -7.44 25.05
CA CYS C 23 17.12 -8.69 24.45
C CYS C 23 18.44 -8.43 23.73
N ARG C 24 19.40 -9.35 23.91
CA ARG C 24 20.76 -9.15 23.43
C ARG C 24 21.32 -10.46 22.89
N ALA C 25 22.08 -10.35 21.81
CA ALA C 25 22.78 -11.47 21.20
C ALA C 25 24.28 -11.19 21.18
N SER C 26 25.04 -12.09 20.58
CA SER C 26 26.49 -11.93 20.50
C SER C 26 26.90 -11.27 19.19
N GLN C 27 26.58 -11.89 18.06
CA GLN C 27 26.89 -11.31 16.76
C GLN C 27 25.85 -10.28 16.38
N THR C 28 26.01 -9.67 15.21
CA THR C 28 25.01 -8.78 14.68
C THR C 28 23.83 -9.59 14.15
N VAL C 29 22.73 -8.89 13.87
CA VAL C 29 21.50 -9.54 13.43
C VAL C 29 20.64 -8.51 12.70
N SER C 30 19.78 -9.01 11.82
CA SER C 30 18.87 -8.14 11.10
C SER C 30 17.83 -7.55 12.04
N SER C 31 17.31 -6.39 11.67
CA SER C 31 16.22 -5.76 12.40
C SER C 31 14.86 -6.29 11.97
N THR C 32 14.83 -7.23 11.04
CA THR C 32 13.59 -7.77 10.48
C THR C 32 13.46 -9.27 10.66
N SER C 33 14.27 -9.87 11.53
CA SER C 33 14.26 -11.32 11.75
C SER C 33 14.26 -11.64 13.23
N LEU C 34 13.39 -10.98 13.99
CA LEU C 34 13.30 -11.20 15.42
C LEU C 34 11.89 -10.86 15.89
N ALA C 35 11.46 -11.51 16.97
CA ALA C 35 10.09 -11.38 17.46
C ALA C 35 10.05 -11.51 18.97
N TRP C 36 8.91 -11.11 19.54
CA TRP C 36 8.66 -11.18 20.97
C TRP C 36 7.34 -11.89 21.21
N TYR C 37 7.37 -12.91 22.08
CA TYR C 37 6.25 -13.78 22.38
C TYR C 37 5.92 -13.72 23.87
N GLN C 38 4.66 -14.02 24.18
CA GLN C 38 4.13 -13.96 25.54
C GLN C 38 3.67 -15.34 25.98
N GLN C 39 3.75 -15.60 27.29
CA GLN C 39 3.40 -16.91 27.85
C GLN C 39 2.70 -16.70 29.20
N LYS C 40 1.39 -16.84 29.22
CA LYS C 40 0.65 -16.84 30.47
C LYS C 40 0.83 -18.16 31.18
N PRO C 41 0.70 -18.19 32.51
CA PRO C 41 0.88 -19.44 33.24
C PRO C 41 -0.27 -20.40 32.96
N GLY C 42 0.08 -21.66 32.70
CA GLY C 42 -0.92 -22.66 32.36
C GLY C 42 -1.67 -22.37 31.08
N GLN C 43 -1.12 -21.53 30.21
CA GLN C 43 -1.81 -21.12 28.99
C GLN C 43 -0.81 -21.09 27.84
N ALA C 44 -1.31 -21.30 26.64
CA ALA C 44 -0.45 -21.43 25.47
C ALA C 44 0.20 -20.10 25.11
N PRO C 45 1.35 -20.14 24.45
CA PRO C 45 2.02 -18.90 24.04
C PRO C 45 1.22 -18.16 22.97
N ARG C 46 1.55 -16.88 22.82
CA ARG C 46 0.92 -16.04 21.81
C ARG C 46 2.00 -15.17 21.17
N LEU C 47 1.65 -14.60 20.02
CA LEU C 47 2.54 -13.66 19.33
C LEU C 47 2.23 -12.26 19.82
N LEU C 48 3.27 -11.51 20.16
CA LEU C 48 3.12 -10.14 20.63
C LEU C 48 3.68 -9.13 19.62
N ILE C 49 4.94 -9.28 19.23
CA ILE C 49 5.58 -8.31 18.35
C ILE C 49 6.36 -9.06 17.28
N TYR C 50 6.20 -8.65 16.03
CA TYR C 50 6.96 -9.21 14.92
C TYR C 50 7.58 -8.08 14.11
N GLY C 51 8.74 -8.37 13.52
CA GLY C 51 9.46 -7.37 12.76
C GLY C 51 10.18 -6.34 13.59
N ALA C 52 10.16 -6.48 14.92
CA ALA C 52 10.78 -5.61 15.91
C ALA C 52 10.10 -4.25 15.99
N SER C 53 9.15 -3.94 15.11
CA SER C 53 8.42 -2.68 15.20
C SER C 53 6.92 -2.82 15.00
N SER C 54 6.42 -3.89 14.40
CA SER C 54 5.01 -4.01 14.03
C SER C 54 4.23 -4.74 15.12
N ARG C 55 2.92 -4.82 14.92
CA ARG C 55 2.02 -5.48 15.85
C ARG C 55 1.09 -6.43 15.11
N ALA C 56 0.62 -7.45 15.82
CA ALA C 56 -0.24 -8.46 15.25
C ALA C 56 -1.71 -8.07 15.42
N THR C 57 -2.61 -9.01 15.10
CA THR C 57 -4.03 -8.73 15.17
C THR C 57 -4.50 -8.62 16.63
N GLY C 58 -5.33 -7.61 16.88
CA GLY C 58 -5.95 -7.45 18.19
C GLY C 58 -4.96 -7.29 19.33
N ILE C 59 -3.95 -6.46 19.15
CA ILE C 59 -2.91 -6.24 20.15
C ILE C 59 -3.16 -4.89 20.81
N PRO C 60 -3.21 -4.81 22.14
CA PRO C 60 -3.32 -3.51 22.80
C PRO C 60 -2.16 -2.60 22.41
N ASP C 61 -2.45 -1.31 22.30
CA ASP C 61 -1.48 -0.35 21.81
C ASP C 61 -0.40 0.00 22.84
N ARG C 62 -0.42 -0.61 24.02
CA ARG C 62 0.61 -0.34 25.01
C ARG C 62 1.94 -0.97 24.64
N PHE C 63 1.98 -1.91 23.71
CA PHE C 63 3.19 -2.67 23.40
C PHE C 63 3.89 -2.05 22.21
N SER C 64 5.22 -1.90 22.31
CA SER C 64 6.02 -1.38 21.21
C SER C 64 7.38 -2.06 21.23
N GLY C 65 8.06 -2.02 20.09
CA GLY C 65 9.39 -2.59 19.98
C GLY C 65 10.33 -1.66 19.25
N SER C 66 11.61 -1.71 19.64
CA SER C 66 12.63 -0.90 19.01
C SER C 66 13.98 -1.58 19.18
N GLY C 67 15.01 -0.94 18.65
CA GLY C 67 16.36 -1.45 18.73
C GLY C 67 16.93 -1.79 17.36
N SER C 68 18.21 -2.16 17.37
CA SER C 68 18.94 -2.44 16.15
C SER C 68 20.29 -3.06 16.53
N GLY C 69 21.10 -3.34 15.52
CA GLY C 69 22.41 -3.89 15.74
C GLY C 69 22.37 -5.20 16.48
N THR C 70 22.77 -5.18 17.75
CA THR C 70 22.75 -6.36 18.61
C THR C 70 21.87 -6.17 19.84
N ASP C 71 21.16 -5.05 19.95
CA ASP C 71 20.41 -4.72 21.15
C ASP C 71 18.97 -4.41 20.76
N PHE C 72 18.01 -5.00 21.46
CA PHE C 72 16.60 -4.78 21.18
C PHE C 72 15.84 -4.53 22.46
N THR C 73 14.75 -3.78 22.35
CA THR C 73 13.98 -3.34 23.51
C THR C 73 12.50 -3.49 23.22
N LEU C 74 11.77 -4.11 24.16
CA LEU C 74 10.33 -4.14 24.15
C LEU C 74 9.79 -3.25 25.26
N THR C 75 8.90 -2.34 24.91
CA THR C 75 8.30 -1.40 25.84
C THR C 75 6.85 -1.76 26.06
N ILE C 76 6.48 -1.90 27.34
CA ILE C 76 5.10 -2.21 27.70
C ILE C 76 4.30 -0.95 28.03
N SER C 77 4.97 0.15 28.38
CA SER C 77 4.33 1.45 28.61
C SER C 77 3.39 1.40 29.81
N ARG C 78 2.23 0.76 29.63
CA ARG C 78 1.23 0.64 30.68
C ARG C 78 1.19 -0.80 31.17
N LEU C 79 1.35 -1.00 32.47
CA LEU C 79 1.36 -2.32 33.08
C LEU C 79 0.03 -2.50 33.80
N GLU C 80 -0.79 -3.41 33.30
CA GLU C 80 -2.07 -3.76 33.91
C GLU C 80 -1.92 -5.07 34.70
N PRO C 81 -2.90 -5.42 35.55
CA PRO C 81 -2.73 -6.64 36.35
C PRO C 81 -3.14 -7.89 35.59
N GLU C 82 -3.23 -7.77 34.26
CA GLU C 82 -3.40 -8.90 33.37
C GLU C 82 -2.10 -9.26 32.65
N ASP C 83 -1.13 -8.35 32.58
CA ASP C 83 0.04 -8.50 31.73
C ASP C 83 1.20 -9.19 32.43
N PHE C 84 0.95 -9.93 33.50
CA PHE C 84 1.99 -10.63 34.24
C PHE C 84 2.15 -12.02 33.64
N ALA C 85 3.30 -12.26 33.01
CA ALA C 85 3.53 -13.50 32.26
C ALA C 85 5.03 -13.60 31.97
N VAL C 86 5.42 -14.74 31.39
CA VAL C 86 6.80 -14.97 31.00
C VAL C 86 6.95 -14.59 29.53
N TYR C 87 7.90 -13.70 29.24
CA TYR C 87 8.09 -13.17 27.90
C TYR C 87 9.38 -13.70 27.30
N TYR C 88 9.37 -13.90 25.98
CA TYR C 88 10.50 -14.50 25.28
C TYR C 88 10.86 -13.69 24.05
N CYS C 89 12.14 -13.37 23.90
CA CYS C 89 12.67 -12.78 22.68
C CYS C 89 13.28 -13.89 21.84
N GLN C 90 12.94 -13.92 20.55
CA GLN C 90 13.30 -15.03 19.68
C GLN C 90 13.87 -14.49 18.38
N GLN C 91 14.91 -15.15 17.87
CA GLN C 91 15.54 -14.81 16.61
C GLN C 91 15.32 -15.92 15.59
N HIS C 92 15.33 -15.54 14.32
CA HIS C 92 15.32 -16.51 13.23
C HIS C 92 16.21 -16.09 12.07
N ASP C 93 17.25 -15.30 12.33
CA ASP C 93 18.15 -14.89 11.25
C ASP C 93 18.94 -16.08 10.70
N THR C 94 19.57 -16.84 11.59
CA THR C 94 20.24 -18.09 11.24
C THR C 94 19.66 -19.18 12.12
N SER C 95 19.01 -20.17 11.48
CA SER C 95 18.18 -21.13 12.19
C SER C 95 17.18 -20.36 13.05
N LEU C 96 17.01 -20.75 14.31
CA LEU C 96 16.22 -19.96 15.25
C LEU C 96 16.57 -20.38 16.67
N THR C 97 16.70 -19.40 17.56
CA THR C 97 17.09 -19.62 18.95
C THR C 97 16.21 -18.78 19.85
N PHE C 98 15.70 -19.39 20.91
CA PHE C 98 14.83 -18.71 21.86
C PHE C 98 15.62 -18.16 23.03
N GLY C 99 15.00 -17.20 23.73
CA GLY C 99 15.61 -16.57 24.89
C GLY C 99 15.45 -17.41 26.14
N GLY C 100 15.79 -16.78 27.27
CA GLY C 100 15.75 -17.46 28.54
C GLY C 100 14.50 -17.24 29.37
N GLY C 101 13.61 -16.36 28.94
CA GLY C 101 12.39 -16.09 29.68
C GLY C 101 12.57 -15.11 30.82
N THR C 102 11.56 -14.29 31.07
CA THR C 102 11.62 -13.26 32.10
C THR C 102 10.31 -13.23 32.86
N LYS C 103 10.39 -13.06 34.17
CA LYS C 103 9.24 -13.13 35.07
C LYS C 103 9.02 -11.74 35.67
N VAL C 104 7.81 -11.23 35.54
CA VAL C 104 7.43 -9.94 36.11
C VAL C 104 6.44 -10.19 37.24
N GLU C 105 6.71 -9.61 38.40
CA GLU C 105 6.01 -9.94 39.63
C GLU C 105 5.58 -8.66 40.35
N ILE C 106 4.55 -8.79 41.18
CA ILE C 106 3.94 -7.64 41.85
C ILE C 106 4.74 -7.30 43.12
N LYS C 107 5.27 -6.08 43.18
CA LYS C 107 5.90 -5.60 44.40
C LYS C 107 4.87 -5.39 45.51
N ARG C 108 5.30 -5.66 46.75
CA ARG C 108 4.53 -5.34 47.94
C ARG C 108 5.52 -5.14 49.08
N THR C 109 4.99 -5.01 50.29
CA THR C 109 5.83 -4.74 51.45
C THR C 109 6.60 -6.00 51.84
N VAL C 110 7.33 -5.91 52.96
CA VAL C 110 7.97 -7.09 53.50
C VAL C 110 6.92 -8.04 54.06
N ALA C 111 7.29 -9.32 54.18
CA ALA C 111 6.37 -10.35 54.63
C ALA C 111 7.00 -11.14 55.77
N ALA C 112 6.17 -11.48 56.77
CA ALA C 112 6.61 -12.29 57.88
C ALA C 112 6.02 -13.68 57.73
N PRO C 113 6.81 -14.69 57.39
CA PRO C 113 6.27 -16.04 57.24
C PRO C 113 5.85 -16.64 58.58
N SER C 114 4.84 -17.50 58.53
CA SER C 114 4.44 -18.32 59.66
C SER C 114 4.85 -19.76 59.39
N VAL C 115 5.38 -20.43 60.43
CA VAL C 115 6.02 -21.72 60.27
C VAL C 115 5.31 -22.74 61.15
N PHE C 116 5.04 -23.91 60.59
CA PHE C 116 4.52 -25.05 61.33
C PHE C 116 5.30 -26.29 60.95
N ILE C 117 5.79 -27.01 61.95
CA ILE C 117 6.64 -28.19 61.77
C ILE C 117 5.94 -29.39 62.37
N PHE C 118 5.89 -30.48 61.61
CA PHE C 118 5.18 -31.69 62.05
C PHE C 118 5.94 -32.98 61.76
N PRO C 119 6.10 -33.84 62.76
CA PRO C 119 6.68 -35.16 62.53
C PRO C 119 5.59 -36.18 62.22
N PRO C 120 5.95 -37.32 61.64
CA PRO C 120 4.94 -38.32 61.30
C PRO C 120 4.46 -39.09 62.53
N SER C 121 3.24 -39.60 62.43
CA SER C 121 2.64 -40.45 63.44
C SER C 121 2.92 -41.92 63.12
N ASP C 122 2.22 -42.82 63.80
CA ASP C 122 2.39 -44.25 63.53
C ASP C 122 1.88 -44.66 62.15
N GLU C 123 1.17 -43.77 61.45
CA GLU C 123 0.82 -44.03 60.06
C GLU C 123 2.05 -44.17 59.17
N GLN C 124 3.20 -43.64 59.60
CA GLN C 124 4.46 -43.97 58.96
C GLN C 124 5.13 -45.17 59.60
N LEU C 125 4.77 -45.50 60.85
CA LEU C 125 5.28 -46.71 61.49
C LEU C 125 4.77 -47.96 60.77
N LYS C 126 3.55 -47.90 60.23
CA LYS C 126 3.03 -49.05 59.49
C LYS C 126 3.89 -49.34 58.27
N SER C 127 4.51 -48.32 57.69
CA SER C 127 5.48 -48.48 56.62
C SER C 127 6.89 -48.51 57.20
N GLY C 128 7.87 -48.76 56.33
CA GLY C 128 9.25 -48.80 56.76
C GLY C 128 10.00 -47.51 56.48
N THR C 129 9.34 -46.38 56.68
CA THR C 129 9.91 -45.08 56.37
C THR C 129 9.53 -44.07 57.46
N ALA C 130 10.00 -42.84 57.30
CA ALA C 130 9.64 -41.74 58.17
C ALA C 130 9.80 -40.44 57.40
N SER C 131 8.91 -39.49 57.64
CA SER C 131 8.90 -38.24 56.89
C SER C 131 8.40 -37.10 57.78
N VAL C 132 9.25 -36.11 57.97
CA VAL C 132 8.93 -34.92 58.75
C VAL C 132 8.75 -33.76 57.80
N VAL C 133 7.98 -32.75 58.19
CA VAL C 133 7.68 -31.63 57.30
C VAL C 133 7.83 -30.31 58.05
N CYS C 134 8.31 -29.31 57.32
CA CYS C 134 8.29 -27.91 57.75
C CYS C 134 7.52 -27.12 56.71
N LEU C 135 6.66 -26.20 57.17
CA LEU C 135 5.82 -25.42 56.29
C LEU C 135 5.97 -23.94 56.64
N LEU C 136 6.19 -23.11 55.63
CA LEU C 136 6.25 -21.67 55.79
C LEU C 136 5.18 -21.04 54.91
N ASN C 137 4.61 -19.94 55.39
CA ASN C 137 3.51 -19.28 54.69
C ASN C 137 3.69 -17.78 54.74
N ASN C 138 3.17 -17.10 53.71
CA ASN C 138 3.19 -15.64 53.60
C ASN C 138 4.59 -15.07 53.78
N PHE C 139 5.46 -15.40 52.83
CA PHE C 139 6.79 -14.82 52.77
C PHE C 139 6.97 -14.09 51.45
N TYR C 140 8.08 -13.36 51.36
CA TYR C 140 8.38 -12.51 50.21
C TYR C 140 9.84 -12.12 50.23
N PRO C 141 10.57 -12.26 49.11
CA PRO C 141 10.22 -12.87 47.82
C PRO C 141 10.59 -14.35 47.75
N ARG C 142 10.71 -14.90 46.54
CA ARG C 142 10.89 -16.34 46.38
C ARG C 142 12.10 -16.89 47.12
N GLU C 143 13.15 -16.09 47.26
CA GLU C 143 14.35 -16.57 47.95
C GLU C 143 14.05 -16.80 49.42
N ALA C 144 14.70 -17.82 50.00
CA ALA C 144 14.57 -18.19 51.40
C ALA C 144 15.57 -19.28 51.68
N LYS C 145 15.80 -19.54 52.97
CA LYS C 145 16.71 -20.62 53.38
C LYS C 145 16.05 -21.43 54.49
N VAL C 146 16.02 -22.74 54.31
CA VAL C 146 15.52 -23.67 55.32
C VAL C 146 16.58 -24.75 55.51
N GLN C 147 16.67 -25.29 56.73
CA GLN C 147 17.64 -26.32 57.02
C GLN C 147 17.13 -27.23 58.12
N TRP C 148 17.73 -28.42 58.18
CA TRP C 148 17.42 -29.45 59.16
C TRP C 148 18.65 -29.74 59.99
N LYS C 149 18.43 -30.33 61.17
CA LYS C 149 19.53 -30.79 62.02
C LYS C 149 19.02 -31.99 62.82
N VAL C 150 19.53 -33.18 62.48
CA VAL C 150 19.25 -34.39 63.23
C VAL C 150 20.30 -34.49 64.33
N ASP C 151 19.90 -34.22 65.57
CA ASP C 151 20.82 -34.10 66.69
C ASP C 151 21.91 -33.06 66.38
N ASN C 152 21.46 -31.88 65.97
CA ASN C 152 22.36 -30.79 65.57
C ASN C 152 23.30 -31.21 64.44
N ALA C 153 22.75 -31.86 63.41
CA ALA C 153 23.53 -32.30 62.27
C ALA C 153 22.63 -32.33 61.03
N LEU C 154 23.00 -31.54 60.02
CA LEU C 154 22.27 -31.49 58.76
C LEU C 154 22.71 -32.63 57.85
N GLN C 155 21.74 -33.27 57.21
CA GLN C 155 21.99 -34.35 56.27
C GLN C 155 21.47 -33.97 54.89
N SER C 156 22.23 -34.33 53.87
CA SER C 156 21.93 -33.96 52.49
C SER C 156 21.28 -35.13 51.76
N GLY C 157 20.70 -34.80 50.60
CA GLY C 157 20.11 -35.82 49.75
C GLY C 157 18.88 -36.50 50.32
N ASN C 158 18.16 -35.85 51.22
CA ASN C 158 16.98 -36.46 51.82
C ASN C 158 15.82 -35.48 52.00
N SER C 159 15.89 -34.30 51.42
CA SER C 159 14.86 -33.27 51.59
C SER C 159 14.41 -32.75 50.24
N GLN C 160 13.13 -32.38 50.18
CA GLN C 160 12.53 -31.84 48.97
C GLN C 160 11.77 -30.57 49.31
N GLU C 161 11.87 -29.58 48.41
CA GLU C 161 11.27 -28.26 48.61
C GLU C 161 10.25 -27.98 47.51
N SER C 162 9.11 -27.42 47.90
CA SER C 162 8.04 -27.10 46.98
C SER C 162 7.50 -25.72 47.26
N VAL C 163 7.22 -24.97 46.18
CA VAL C 163 6.73 -23.59 46.26
C VAL C 163 5.57 -23.44 45.29
N THR C 164 4.57 -22.67 45.69
CA THR C 164 3.45 -22.34 44.82
C THR C 164 3.74 -21.07 44.02
N GLU C 165 2.86 -20.79 43.06
CA GLU C 165 2.99 -19.60 42.23
C GLU C 165 2.53 -18.37 43.02
N GLN C 166 2.45 -17.23 42.34
CA GLN C 166 2.01 -16.01 42.98
C GLN C 166 0.54 -16.11 43.39
N ASP C 167 0.24 -15.64 44.60
CA ASP C 167 -1.13 -15.69 45.10
C ASP C 167 -1.97 -14.62 44.43
N SER C 168 -3.22 -14.98 44.09
CA SER C 168 -4.10 -14.08 43.37
C SER C 168 -4.74 -13.02 44.25
N LYS C 169 -4.76 -13.20 45.58
CA LYS C 169 -5.44 -12.26 46.46
C LYS C 169 -4.50 -11.43 47.32
N ASP C 170 -3.32 -11.96 47.66
CA ASP C 170 -2.35 -11.21 48.45
C ASP C 170 -0.96 -11.22 47.86
N SER C 171 -0.70 -12.04 46.84
CA SER C 171 0.59 -12.11 46.15
C SER C 171 1.70 -12.52 47.12
N THR C 172 1.57 -13.74 47.65
CA THR C 172 2.62 -14.33 48.48
C THR C 172 2.65 -15.83 48.20
N TYR C 173 3.52 -16.55 48.92
CA TYR C 173 3.76 -17.96 48.66
C TYR C 173 3.72 -18.76 49.95
N SER C 174 3.60 -20.08 49.79
CA SER C 174 3.76 -21.05 50.87
C SER C 174 4.71 -22.13 50.41
N LEU C 175 5.69 -22.44 51.23
CA LEU C 175 6.74 -23.41 50.91
C LEU C 175 6.64 -24.61 51.84
N SER C 176 6.91 -25.79 51.29
CA SER C 176 7.01 -27.02 52.07
C SER C 176 8.39 -27.61 51.89
N SER C 177 9.04 -27.94 53.00
CA SER C 177 10.32 -28.63 53.00
C SER C 177 10.13 -29.94 53.76
N THR C 178 10.24 -31.06 53.06
CA THR C 178 9.99 -32.37 53.66
C THR C 178 11.28 -33.17 53.70
N LEU C 179 11.54 -33.78 54.84
CA LEU C 179 12.70 -34.64 55.05
C LEU C 179 12.23 -36.08 55.18
N THR C 180 12.76 -36.95 54.33
CA THR C 180 12.40 -38.37 54.35
C THR C 180 13.62 -39.18 54.72
N LEU C 181 13.37 -40.33 55.34
CA LEU C 181 14.44 -41.23 55.78
C LEU C 181 13.85 -42.60 56.04
N SER C 182 14.73 -43.59 56.17
CA SER C 182 14.28 -44.91 56.59
C SER C 182 13.79 -44.86 58.04
N LYS C 183 12.76 -45.65 58.32
CA LYS C 183 12.21 -45.67 59.68
C LYS C 183 13.25 -46.12 60.69
N ALA C 184 14.17 -47.01 60.28
CA ALA C 184 15.18 -47.50 61.21
C ALA C 184 16.06 -46.37 61.71
N ASP C 185 16.43 -45.42 60.84
CA ASP C 185 17.22 -44.28 61.26
C ASP C 185 16.42 -43.25 62.03
N TYR C 186 15.10 -43.37 62.07
CA TYR C 186 14.29 -42.34 62.72
C TYR C 186 14.39 -42.43 64.24
N GLU C 187 14.35 -43.64 64.80
CA GLU C 187 14.24 -43.79 66.24
C GLU C 187 15.58 -44.00 66.95
N LYS C 188 16.72 -43.95 66.24
CA LYS C 188 17.99 -44.01 66.94
C LYS C 188 18.64 -42.64 67.10
N HIS C 189 18.00 -41.58 66.64
CA HIS C 189 18.46 -40.21 66.85
C HIS C 189 17.33 -39.41 67.47
N LYS C 190 17.67 -38.61 68.49
CA LYS C 190 16.67 -38.12 69.43
C LYS C 190 16.13 -36.75 69.04
N VAL C 191 17.00 -35.76 68.88
CA VAL C 191 16.59 -34.38 68.67
C VAL C 191 16.53 -34.10 67.17
N TYR C 192 15.41 -33.49 66.73
CA TYR C 192 15.27 -33.03 65.35
C TYR C 192 14.90 -31.55 65.39
N ALA C 193 15.71 -30.72 64.75
CA ALA C 193 15.50 -29.28 64.75
C ALA C 193 15.35 -28.77 63.33
N CYS C 194 14.29 -27.99 63.10
CA CYS C 194 14.03 -27.36 61.82
C CYS C 194 14.29 -25.87 61.98
N GLU C 195 15.19 -25.33 61.16
CA GLU C 195 15.60 -23.93 61.26
C GLU C 195 15.33 -23.23 59.94
N VAL C 196 15.04 -21.94 60.02
CA VAL C 196 14.72 -21.12 58.86
C VAL C 196 15.41 -19.78 58.98
N THR C 197 16.09 -19.37 57.92
CA THR C 197 16.70 -18.05 57.80
C THR C 197 16.23 -17.42 56.50
N HIS C 198 15.76 -16.18 56.57
CA HIS C 198 15.25 -15.48 55.40
C HIS C 198 15.25 -13.99 55.68
N GLN C 199 15.32 -13.19 54.60
CA GLN C 199 15.28 -11.74 54.74
C GLN C 199 13.97 -11.28 55.36
N GLY C 200 12.87 -11.97 55.05
CA GLY C 200 11.61 -11.69 55.70
C GLY C 200 11.59 -11.95 57.19
N LEU C 201 12.56 -12.70 57.70
CA LEU C 201 12.73 -12.95 59.12
C LEU C 201 13.84 -12.05 59.66
N SER C 202 13.57 -11.38 60.78
CA SER C 202 14.62 -10.61 61.43
C SER C 202 15.74 -11.52 61.93
N SER C 203 15.39 -12.67 62.49
CA SER C 203 16.34 -13.63 63.03
C SER C 203 15.97 -15.03 62.57
N PRO C 204 16.94 -15.94 62.50
CA PRO C 204 16.63 -17.33 62.15
C PRO C 204 15.79 -17.99 63.24
N VAL C 205 14.69 -18.62 62.83
CA VAL C 205 13.75 -19.24 63.77
C VAL C 205 14.00 -20.75 63.77
N THR C 206 14.08 -21.32 64.97
CA THR C 206 14.39 -22.73 65.16
C THR C 206 13.30 -23.38 66.01
N LYS C 207 12.90 -24.59 65.63
CA LYS C 207 12.03 -25.42 66.44
C LYS C 207 12.65 -26.80 66.58
N SER C 208 12.85 -27.23 67.82
CA SER C 208 13.44 -28.53 68.11
C SER C 208 12.41 -29.42 68.81
N PHE C 209 12.32 -30.66 68.35
CA PHE C 209 11.40 -31.62 68.93
C PHE C 209 12.11 -32.94 69.13
N ASN C 210 11.45 -33.83 69.87
CA ASN C 210 11.99 -35.13 70.22
C ASN C 210 11.08 -36.22 69.67
N ARG C 211 11.60 -37.46 69.68
CA ARG C 211 10.80 -38.58 69.19
C ARG C 211 9.54 -38.77 70.03
N GLY C 212 9.67 -38.65 71.35
CA GLY C 212 8.50 -38.72 72.21
C GLY C 212 7.75 -37.42 72.37
N GLU C 213 8.26 -36.33 71.83
CA GLU C 213 7.60 -35.04 71.92
C GLU C 213 7.92 -34.17 70.70
N GLN D 1 -8.90 -16.11 14.02
CA GLN D 1 -10.04 -16.91 14.45
C GLN D 1 -9.83 -18.39 14.09
N VAL D 2 -8.68 -18.70 13.50
CA VAL D 2 -8.42 -20.08 13.09
C VAL D 2 -8.23 -20.97 14.32
N GLN D 3 -8.61 -22.23 14.17
CA GLN D 3 -8.64 -23.18 15.27
C GLN D 3 -7.51 -24.19 15.14
N LEU D 4 -6.81 -24.42 16.24
CA LEU D 4 -5.77 -25.44 16.35
C LEU D 4 -6.12 -26.36 17.51
N VAL D 5 -6.07 -27.67 17.26
CA VAL D 5 -6.45 -28.66 18.24
C VAL D 5 -5.38 -29.73 18.32
N GLN D 6 -5.04 -30.15 19.53
CA GLN D 6 -4.08 -31.22 19.76
C GLN D 6 -4.72 -32.35 20.57
N SER D 7 -4.03 -33.48 20.61
CA SER D 7 -4.49 -34.63 21.37
C SER D 7 -4.22 -34.41 22.86
N GLY D 8 -4.54 -35.42 23.67
CA GLY D 8 -4.39 -35.34 25.10
C GLY D 8 -3.01 -35.73 25.58
N ALA D 9 -2.82 -35.61 26.89
CA ALA D 9 -1.56 -36.00 27.52
C ALA D 9 -1.37 -37.50 27.43
N GLU D 10 -0.11 -37.92 27.32
CA GLU D 10 0.23 -39.32 27.11
C GLU D 10 1.28 -39.77 28.11
N VAL D 11 1.25 -41.08 28.39
CA VAL D 11 2.18 -41.73 29.29
C VAL D 11 2.82 -42.90 28.56
N LYS D 12 4.14 -43.02 28.67
CA LYS D 12 4.89 -44.05 27.97
C LYS D 12 5.88 -44.71 28.92
N LYS D 13 6.55 -45.76 28.43
CA LYS D 13 7.67 -46.44 29.06
C LYS D 13 8.93 -46.25 28.23
N PRO D 14 10.10 -46.24 28.86
CA PRO D 14 11.34 -45.92 28.11
C PRO D 14 11.59 -46.89 26.97
N GLY D 15 12.15 -46.35 25.88
CA GLY D 15 12.47 -47.12 24.70
C GLY D 15 11.37 -47.16 23.65
N ALA D 16 10.21 -46.58 23.93
CA ALA D 16 9.07 -46.62 23.03
C ALA D 16 9.14 -45.45 22.05
N SER D 17 8.05 -45.21 21.32
CA SER D 17 7.92 -44.07 20.43
C SER D 17 6.54 -43.46 20.62
N VAL D 18 6.41 -42.16 20.36
CA VAL D 18 5.18 -41.44 20.65
C VAL D 18 4.74 -40.66 19.42
N LYS D 19 3.47 -40.83 19.04
CA LYS D 19 2.88 -40.12 17.91
C LYS D 19 1.86 -39.11 18.42
N VAL D 20 1.92 -37.88 17.89
CA VAL D 20 0.98 -36.83 18.26
C VAL D 20 0.48 -36.12 17.00
N SER D 21 -0.64 -35.43 17.15
CA SER D 21 -1.38 -34.86 16.03
C SER D 21 -1.73 -33.41 16.33
N CYS D 22 -1.91 -32.64 15.25
CA CYS D 22 -2.38 -31.27 15.32
C CYS D 22 -3.34 -31.02 14.16
N LYS D 23 -4.50 -30.44 14.46
CA LYS D 23 -5.57 -30.21 13.51
C LYS D 23 -5.79 -28.71 13.36
N ALA D 24 -5.85 -28.24 12.11
CA ALA D 24 -6.00 -26.82 11.80
C ALA D 24 -7.28 -26.58 11.03
N SER D 25 -7.93 -25.46 11.31
CA SER D 25 -9.16 -25.10 10.61
C SER D 25 -9.31 -23.59 10.57
N GLY D 26 -10.14 -23.12 9.64
CA GLY D 26 -10.47 -21.72 9.53
C GLY D 26 -9.60 -20.89 8.62
N TYR D 27 -8.74 -21.52 7.82
CA TYR D 27 -7.85 -20.78 6.93
C TYR D 27 -7.40 -21.73 5.83
N PRO D 28 -6.80 -21.21 4.75
CA PRO D 28 -6.28 -22.11 3.71
C PRO D 28 -5.05 -22.88 4.21
N PHE D 29 -5.25 -24.17 4.49
CA PHE D 29 -4.21 -24.99 5.09
C PHE D 29 -3.01 -25.17 4.16
N THR D 30 -3.19 -24.90 2.86
CA THR D 30 -2.14 -25.08 1.87
C THR D 30 -1.30 -23.83 1.66
N SER D 31 -1.48 -22.80 2.48
CA SER D 31 -0.77 -21.54 2.29
C SER D 31 0.26 -21.23 3.37
N TYR D 32 0.30 -21.98 4.46
CA TYR D 32 1.23 -21.71 5.55
C TYR D 32 1.86 -23.01 6.03
N GLY D 33 3.03 -22.87 6.67
CA GLY D 33 3.74 -24.01 7.21
C GLY D 33 3.41 -24.24 8.68
N ILE D 34 3.82 -25.41 9.16
CA ILE D 34 3.56 -25.85 10.53
C ILE D 34 4.86 -25.83 11.31
N SER D 35 4.78 -25.40 12.57
CA SER D 35 5.95 -25.34 13.46
C SER D 35 5.63 -26.08 14.74
N TRP D 36 6.60 -26.85 15.22
CA TRP D 36 6.49 -27.62 16.45
C TRP D 36 7.58 -27.17 17.42
N VAL D 37 7.16 -26.86 18.66
CA VAL D 37 8.05 -26.30 19.68
C VAL D 37 7.74 -26.97 21.01
N ARG D 38 8.79 -27.31 21.76
CA ARG D 38 8.62 -27.96 23.05
C ARG D 38 9.09 -27.06 24.19
N GLN D 39 8.67 -27.42 25.40
CA GLN D 39 9.09 -26.75 26.62
C GLN D 39 9.15 -27.75 27.75
N ALA D 40 10.28 -27.80 28.45
CA ALA D 40 10.38 -28.64 29.62
C ALA D 40 9.71 -27.96 30.82
N PRO D 41 9.20 -28.73 31.78
CA PRO D 41 8.52 -28.12 32.93
C PRO D 41 9.44 -27.22 33.74
N GLY D 42 9.12 -25.94 33.78
CA GLY D 42 9.92 -24.96 34.49
C GLY D 42 11.09 -24.40 33.72
N GLN D 43 11.25 -24.77 32.46
CA GLN D 43 12.35 -24.30 31.63
C GLN D 43 11.81 -23.65 30.37
N GLY D 44 12.69 -22.94 29.66
CA GLY D 44 12.28 -22.22 28.46
C GLY D 44 12.06 -23.15 27.28
N LEU D 45 11.49 -22.56 26.21
CA LEU D 45 11.17 -23.33 25.03
C LEU D 45 12.43 -23.64 24.23
N GLU D 46 12.28 -24.55 23.27
CA GLU D 46 13.33 -24.95 22.35
C GLU D 46 12.66 -25.51 21.10
N TRP D 47 13.23 -25.19 19.94
CA TRP D 47 12.56 -25.40 18.66
C TRP D 47 12.71 -26.85 18.18
N MET D 48 11.59 -27.55 18.02
CA MET D 48 11.65 -28.87 17.38
C MET D 48 11.82 -28.76 15.88
N GLY D 49 10.85 -28.17 15.19
CA GLY D 49 10.95 -28.23 13.74
C GLY D 49 9.93 -27.36 13.03
N TRP D 50 10.15 -27.25 11.71
CA TRP D 50 9.24 -26.59 10.79
C TRP D 50 9.02 -27.50 9.59
N ILE D 51 7.83 -27.41 9.00
CA ILE D 51 7.48 -28.24 7.85
C ILE D 51 6.60 -27.43 6.92
N SER D 52 6.90 -27.50 5.62
CA SER D 52 6.09 -26.84 4.61
C SER D 52 4.77 -27.58 4.45
N THR D 53 3.94 -27.11 3.51
CA THR D 53 2.62 -27.68 3.32
C THR D 53 2.28 -27.98 1.87
N TYR D 54 3.13 -27.63 0.90
CA TYR D 54 2.88 -27.93 -0.50
C TYR D 54 3.90 -28.90 -1.07
N ASN D 55 5.19 -28.57 -1.00
CA ASN D 55 6.21 -29.38 -1.64
C ASN D 55 6.59 -30.62 -0.85
N GLY D 56 6.26 -30.66 0.45
CA GLY D 56 6.67 -31.76 1.29
C GLY D 56 8.07 -31.67 1.83
N ASN D 57 8.98 -30.96 1.15
CA ASN D 57 10.32 -30.77 1.67
C ASN D 57 10.27 -29.87 2.90
N THR D 58 11.02 -30.24 3.92
CA THR D 58 10.89 -29.65 5.25
C THR D 58 12.26 -29.19 5.75
N ASN D 59 12.30 -28.81 7.04
CA ASN D 59 13.54 -28.37 7.68
C ASN D 59 13.47 -28.79 9.14
N TYR D 60 14.32 -29.74 9.52
CA TYR D 60 14.40 -30.22 10.89
C TYR D 60 15.45 -29.44 11.67
N ALA D 61 15.44 -29.64 12.98
CA ALA D 61 16.47 -29.04 13.83
C ALA D 61 17.77 -29.81 13.69
N GLN D 62 18.88 -29.12 13.97
CA GLN D 62 20.20 -29.71 13.81
C GLN D 62 20.43 -30.86 14.81
N LYS D 63 19.83 -30.77 16.00
CA LYS D 63 20.12 -31.70 17.07
C LYS D 63 19.21 -32.91 17.11
N PHE D 64 18.20 -33.00 16.25
CA PHE D 64 17.17 -34.02 16.35
C PHE D 64 16.91 -34.71 15.02
N GLN D 65 17.97 -35.14 14.33
CA GLN D 65 17.79 -35.81 13.04
C GLN D 65 17.23 -37.22 13.22
N GLY D 66 17.77 -37.98 14.15
CA GLY D 66 17.49 -39.41 14.20
C GLY D 66 16.41 -39.85 15.16
N ARG D 67 15.54 -38.94 15.58
CA ARG D 67 14.50 -39.27 16.55
C ARG D 67 13.10 -38.86 16.14
N VAL D 68 12.93 -37.85 15.28
CA VAL D 68 11.62 -37.27 14.99
C VAL D 68 11.33 -37.39 13.50
N THR D 69 10.07 -37.67 13.18
CA THR D 69 9.57 -37.72 11.81
C THR D 69 8.30 -36.88 11.73
N MET D 70 8.18 -36.10 10.67
CA MET D 70 7.09 -35.14 10.52
C MET D 70 6.29 -35.47 9.26
N THR D 71 4.96 -35.43 9.37
CA THR D 71 4.09 -35.76 8.26
C THR D 71 2.91 -34.81 8.26
N THR D 72 2.42 -34.48 7.06
CA THR D 72 1.23 -33.65 6.94
C THR D 72 0.30 -34.25 5.88
N ASP D 73 -1.00 -34.09 6.10
CA ASP D 73 -2.02 -34.53 5.16
C ASP D 73 -2.93 -33.35 4.83
N THR D 74 -3.05 -33.03 3.54
CA THR D 74 -3.88 -31.92 3.10
C THR D 74 -5.36 -32.26 3.10
N SER D 75 -5.71 -33.54 2.94
CA SER D 75 -7.12 -33.92 2.86
C SER D 75 -7.86 -33.57 4.14
N THR D 76 -7.33 -33.99 5.29
CA THR D 76 -7.89 -33.64 6.58
C THR D 76 -7.22 -32.43 7.20
N THR D 77 -6.25 -31.84 6.52
CA THR D 77 -5.51 -30.66 7.01
C THR D 77 -4.95 -30.92 8.41
N THR D 78 -4.07 -31.92 8.49
CA THR D 78 -3.54 -32.37 9.76
C THR D 78 -2.03 -32.50 9.69
N GLY D 79 -1.38 -32.38 10.84
CA GLY D 79 0.05 -32.54 10.95
C GLY D 79 0.44 -33.44 12.11
N TYR D 80 1.12 -34.54 11.82
CA TYR D 80 1.48 -35.54 12.81
C TYR D 80 2.98 -35.56 13.00
N MET D 81 3.42 -35.77 14.22
CA MET D 81 4.84 -35.93 14.51
C MET D 81 5.06 -37.16 15.37
N GLU D 82 6.03 -37.99 14.97
CA GLU D 82 6.38 -39.23 15.64
C GLU D 82 7.80 -39.12 16.17
N LEU D 83 7.95 -39.24 17.48
CA LEU D 83 9.24 -39.09 18.15
C LEU D 83 9.70 -40.46 18.64
N ARG D 84 10.90 -40.87 18.24
CA ARG D 84 11.43 -42.18 18.54
C ARG D 84 12.57 -42.07 19.54
N ARG D 85 12.91 -43.21 20.15
CA ARG D 85 14.01 -43.32 21.12
C ARG D 85 13.80 -42.32 22.26
N LEU D 86 12.63 -42.40 22.88
CA LEU D 86 12.34 -41.54 24.02
C LEU D 86 13.02 -42.06 25.28
N ARG D 87 13.48 -41.13 26.10
CA ARG D 87 14.10 -41.44 27.38
C ARG D 87 13.34 -40.72 28.49
N SER D 88 13.61 -41.14 29.72
CA SER D 88 12.85 -40.62 30.86
C SER D 88 13.05 -39.13 31.07
N ASP D 89 14.08 -38.54 30.47
CA ASP D 89 14.36 -37.12 30.62
C ASP D 89 13.57 -36.25 29.65
N ASP D 90 12.76 -36.84 28.76
CA ASP D 90 12.07 -36.10 27.73
C ASP D 90 10.63 -35.71 28.10
N THR D 91 10.21 -35.96 29.34
CA THR D 91 8.87 -35.58 29.77
C THR D 91 8.69 -34.07 29.66
N ALA D 92 7.70 -33.63 28.88
CA ALA D 92 7.61 -32.21 28.55
C ALA D 92 6.25 -31.78 28.03
N VAL D 93 6.20 -30.57 27.46
CA VAL D 93 5.01 -30.03 26.81
C VAL D 93 5.36 -29.70 25.37
N TYR D 94 4.41 -29.92 24.48
CA TYR D 94 4.59 -29.68 23.05
C TYR D 94 3.52 -28.72 22.55
N TYR D 95 3.84 -28.05 21.44
CA TYR D 95 2.95 -27.06 20.84
C TYR D 95 3.10 -27.10 19.32
N CYS D 96 1.97 -27.06 18.63
CA CYS D 96 1.90 -26.86 17.19
C CYS D 96 1.39 -25.45 16.89
N ALA D 97 1.90 -24.86 15.82
CA ALA D 97 1.57 -23.48 15.51
C ALA D 97 1.74 -23.22 14.01
N ARG D 98 1.15 -22.12 13.57
CA ARG D 98 1.28 -21.70 12.18
C ARG D 98 2.50 -20.79 12.03
N ASP D 99 3.36 -21.13 11.06
CA ASP D 99 4.59 -20.41 10.83
C ASP D 99 4.37 -19.21 9.92
N TYR D 100 5.11 -18.13 10.15
CA TYR D 100 5.23 -17.04 9.20
C TYR D 100 6.69 -16.62 9.10
N THR D 101 7.59 -17.59 9.14
CA THR D 101 9.03 -17.36 9.00
C THR D 101 9.63 -18.05 7.79
N ARG D 102 9.16 -19.25 7.46
CA ARG D 102 9.62 -19.96 6.27
C ARG D 102 8.42 -20.18 5.36
N GLY D 103 8.45 -19.56 4.19
CA GLY D 103 7.36 -19.64 3.25
C GLY D 103 7.05 -21.05 2.80
N ALA D 104 5.78 -21.43 2.85
CA ALA D 104 5.37 -22.80 2.55
C ALA D 104 5.44 -23.15 1.07
N TRP D 105 5.87 -22.25 0.20
CA TRP D 105 5.97 -22.53 -1.22
C TRP D 105 7.40 -22.72 -1.69
N PHE D 106 8.27 -21.75 -1.44
CA PHE D 106 9.65 -21.82 -1.89
C PHE D 106 10.66 -21.95 -0.75
N GLY D 107 10.32 -21.46 0.44
CA GLY D 107 11.16 -21.67 1.60
C GLY D 107 12.22 -20.62 1.83
N GLU D 108 11.82 -19.36 1.92
CA GLU D 108 12.73 -18.27 2.24
C GLU D 108 12.20 -17.52 3.45
N SER D 109 13.13 -16.87 4.17
CA SER D 109 12.77 -16.13 5.36
C SER D 109 11.89 -14.94 5.01
N LEU D 110 10.88 -14.69 5.85
CA LEU D 110 9.99 -13.56 5.73
C LEU D 110 9.98 -12.77 7.04
N ILE D 111 9.02 -11.85 7.15
CA ILE D 111 8.85 -11.04 8.35
C ILE D 111 7.65 -11.59 9.12
N GLY D 112 7.88 -11.93 10.39
CA GLY D 112 6.87 -12.52 11.25
C GLY D 112 7.28 -13.90 11.69
N GLY D 113 6.31 -14.63 12.25
CA GLY D 113 6.60 -15.96 12.74
C GLY D 113 5.38 -16.73 13.24
N PHE D 114 5.53 -17.43 14.36
CA PHE D 114 4.50 -18.33 14.87
C PHE D 114 3.37 -17.48 15.43
N ASP D 115 2.27 -17.38 14.67
CA ASP D 115 1.19 -16.46 15.02
C ASP D 115 0.17 -17.09 15.97
N ASN D 116 -0.45 -18.19 15.56
CA ASN D 116 -1.46 -18.86 16.37
C ASN D 116 -0.95 -20.24 16.78
N TRP D 117 -1.08 -20.54 18.07
CA TRP D 117 -0.60 -21.78 18.67
C TRP D 117 -1.77 -22.75 18.88
N GLY D 118 -1.47 -23.88 19.53
CA GLY D 118 -2.47 -24.82 19.96
C GLY D 118 -2.81 -24.65 21.43
N GLN D 119 -3.27 -25.75 22.03
CA GLN D 119 -3.57 -25.77 23.45
C GLN D 119 -2.49 -26.43 24.29
N GLY D 120 -1.43 -26.94 23.66
CA GLY D 120 -0.36 -27.63 24.37
C GLY D 120 -0.70 -29.06 24.70
N THR D 121 0.32 -29.91 24.70
CA THR D 121 0.14 -31.33 24.96
C THR D 121 1.21 -31.79 25.95
N LEU D 122 0.82 -32.64 26.89
CA LEU D 122 1.70 -33.07 27.99
C LEU D 122 2.13 -34.51 27.75
N VAL D 123 3.43 -34.78 27.88
CA VAL D 123 3.98 -36.11 27.64
C VAL D 123 4.83 -36.50 28.83
N THR D 124 4.64 -37.74 29.31
CA THR D 124 5.39 -38.28 30.43
C THR D 124 5.86 -39.69 30.11
N VAL D 125 6.99 -40.07 30.71
CA VAL D 125 7.53 -41.41 30.57
C VAL D 125 8.35 -41.74 31.83
N SER D 126 8.23 -42.97 32.28
CA SER D 126 8.94 -43.43 33.46
C SER D 126 8.91 -44.95 33.49
N SER D 127 9.75 -45.52 34.34
CA SER D 127 9.79 -46.96 34.54
C SER D 127 8.74 -47.45 35.53
N ALA D 128 8.04 -46.53 36.19
CA ALA D 128 7.04 -46.89 37.18
C ALA D 128 5.73 -47.27 36.50
N SER D 129 4.79 -47.76 37.31
CA SER D 129 3.47 -48.17 36.85
C SER D 129 2.42 -47.46 37.69
N THR D 130 1.19 -47.41 37.15
CA THR D 130 0.10 -46.73 37.83
C THR D 130 -0.10 -47.31 39.23
N LYS D 131 -0.26 -46.43 40.20
CA LYS D 131 -0.28 -46.84 41.60
C LYS D 131 -1.21 -45.92 42.38
N GLY D 132 -1.93 -46.50 43.34
CA GLY D 132 -2.83 -45.75 44.18
C GLY D 132 -2.10 -44.79 45.09
N PRO D 133 -2.82 -43.79 45.60
CA PRO D 133 -2.18 -42.78 46.45
C PRO D 133 -1.96 -43.28 47.86
N SER D 134 -1.03 -42.63 48.55
CA SER D 134 -0.77 -42.86 49.96
C SER D 134 -1.14 -41.59 50.71
N VAL D 135 -2.20 -41.66 51.51
CA VAL D 135 -2.75 -40.48 52.19
C VAL D 135 -2.15 -40.38 53.58
N PHE D 136 -2.11 -39.15 54.10
CA PHE D 136 -1.49 -38.88 55.38
C PHE D 136 -2.09 -37.62 55.98
N PRO D 137 -2.58 -37.67 57.22
CA PRO D 137 -3.10 -36.45 57.84
C PRO D 137 -2.00 -35.62 58.49
N LEU D 138 -2.24 -34.31 58.55
CA LEU D 138 -1.41 -33.40 59.34
C LEU D 138 -2.37 -32.44 60.03
N ALA D 139 -2.83 -32.86 61.21
CA ALA D 139 -3.56 -31.97 62.09
C ALA D 139 -2.56 -31.16 62.91
N PRO D 140 -2.97 -30.00 63.42
CA PRO D 140 -2.06 -29.21 64.26
C PRO D 140 -1.69 -29.96 65.52
N SER D 141 -0.45 -29.75 65.97
CA SER D 141 0.12 -30.49 67.08
C SER D 141 -0.49 -30.02 68.40
N SER D 142 -0.01 -30.63 69.49
CA SER D 142 -0.45 -30.22 70.83
C SER D 142 -0.05 -28.80 71.15
N LYS D 143 0.98 -28.26 70.49
CA LYS D 143 1.45 -26.90 70.71
C LYS D 143 0.81 -25.92 69.74
N SER D 144 -0.41 -26.20 69.29
CA SER D 144 -1.10 -25.30 68.38
C SER D 144 -1.22 -23.91 69.00
N THR D 145 -0.95 -22.90 68.18
CA THR D 145 -0.84 -21.53 68.68
C THR D 145 -2.17 -21.06 69.25
N SER D 146 -2.13 -20.58 70.49
CA SER D 146 -3.33 -20.01 71.12
C SER D 146 -3.58 -18.60 70.63
N GLY D 147 -2.62 -17.71 70.83
CA GLY D 147 -2.72 -16.36 70.30
C GLY D 147 -2.26 -16.29 68.87
N GLY D 148 -2.97 -17.00 67.98
CA GLY D 148 -2.59 -17.07 66.59
C GLY D 148 -3.48 -17.99 65.78
N THR D 149 -2.87 -18.88 65.00
CA THR D 149 -3.60 -19.77 64.12
C THR D 149 -2.96 -21.14 64.12
N ALA D 150 -3.66 -22.11 63.53
CA ALA D 150 -3.15 -23.46 63.34
C ALA D 150 -3.22 -23.80 61.87
N ALA D 151 -2.42 -24.78 61.45
CA ALA D 151 -2.38 -25.21 60.06
C ALA D 151 -2.89 -26.63 59.93
N LEU D 152 -3.79 -26.84 58.99
CA LEU D 152 -4.37 -28.14 58.70
C LEU D 152 -3.90 -28.56 57.31
N GLY D 153 -3.54 -29.82 57.16
CA GLY D 153 -3.06 -30.29 55.87
C GLY D 153 -3.34 -31.76 55.65
N CYS D 154 -3.46 -32.11 54.38
CA CYS D 154 -3.50 -33.50 53.95
C CYS D 154 -2.41 -33.73 52.91
N LEU D 155 -1.62 -34.78 53.12
CA LEU D 155 -0.43 -35.06 52.34
C LEU D 155 -0.63 -36.36 51.56
N VAL D 156 -0.23 -36.35 50.30
CA VAL D 156 -0.29 -37.53 49.45
C VAL D 156 1.11 -37.84 48.94
N LYS D 157 1.49 -39.11 48.99
CA LYS D 157 2.79 -39.57 48.52
C LYS D 157 2.62 -40.87 47.76
N ASP D 158 3.57 -41.14 46.87
CA ASP D 158 3.61 -42.39 46.10
C ASP D 158 2.32 -42.59 45.31
N TYR D 159 1.85 -41.52 44.67
CA TYR D 159 0.68 -41.57 43.82
C TYR D 159 1.13 -41.45 42.37
N PHE D 160 0.59 -42.29 41.52
CA PHE D 160 0.99 -42.26 40.12
C PHE D 160 -0.24 -42.39 39.23
N PRO D 161 -0.42 -41.49 38.24
CA PRO D 161 0.32 -40.25 38.01
C PRO D 161 -0.42 -38.98 38.41
N GLU D 162 0.17 -37.84 38.07
CA GLU D 162 -0.52 -36.56 38.13
C GLU D 162 -1.73 -36.61 37.20
N PRO D 163 -2.88 -36.05 37.61
CA PRO D 163 -3.17 -35.29 38.83
C PRO D 163 -3.89 -36.05 39.95
N VAL D 164 -4.25 -35.31 40.99
CA VAL D 164 -5.14 -35.78 42.04
C VAL D 164 -6.17 -34.69 42.31
N THR D 165 -7.43 -35.07 42.42
CA THR D 165 -8.52 -34.14 42.69
C THR D 165 -8.73 -34.13 44.19
N VAL D 166 -8.36 -33.02 44.84
CA VAL D 166 -8.37 -32.90 46.28
C VAL D 166 -9.36 -31.80 46.68
N SER D 167 -10.20 -32.11 47.67
CA SER D 167 -11.11 -31.12 48.21
C SER D 167 -11.23 -31.30 49.71
N TRP D 168 -11.62 -30.22 50.39
CA TRP D 168 -11.78 -30.21 51.84
C TRP D 168 -13.25 -29.98 52.18
N ASN D 169 -13.88 -31.01 52.76
CA ASN D 169 -15.31 -31.02 53.05
C ASN D 169 -16.13 -30.76 51.79
N SER D 170 -15.69 -31.36 50.68
CA SER D 170 -16.41 -31.31 49.40
C SER D 170 -16.66 -29.86 48.96
N GLY D 171 -15.60 -29.06 48.96
CA GLY D 171 -15.71 -27.69 48.51
C GLY D 171 -16.33 -26.73 49.51
N ALA D 172 -16.53 -27.16 50.76
CA ALA D 172 -17.07 -26.25 51.77
C ALA D 172 -16.14 -25.08 52.02
N LEU D 173 -14.84 -25.35 52.08
CA LEU D 173 -13.84 -24.29 52.25
C LEU D 173 -13.30 -23.89 50.88
N THR D 174 -13.32 -22.59 50.61
CA THR D 174 -12.87 -22.06 49.33
C THR D 174 -11.77 -21.02 49.45
N SER D 175 -11.59 -20.41 50.62
CA SER D 175 -10.62 -19.35 50.82
C SER D 175 -9.47 -19.84 51.69
N GLY D 176 -8.28 -19.33 51.41
CA GLY D 176 -7.11 -19.70 52.19
C GLY D 176 -6.56 -21.08 51.90
N VAL D 177 -6.84 -21.63 50.73
CA VAL D 177 -6.43 -22.99 50.37
C VAL D 177 -5.16 -22.92 49.55
N HIS D 178 -4.23 -23.85 49.80
CA HIS D 178 -3.01 -23.95 49.00
C HIS D 178 -2.78 -25.40 48.65
N THR D 179 -2.80 -25.71 47.36
CA THR D 179 -2.41 -27.01 46.82
C THR D 179 -1.02 -26.88 46.23
N PHE D 180 -0.19 -27.90 46.42
CA PHE D 180 1.22 -27.71 46.09
C PHE D 180 1.57 -28.42 44.79
N PRO D 181 2.49 -27.86 44.00
CA PRO D 181 2.92 -28.53 42.78
C PRO D 181 3.59 -29.86 43.07
N ALA D 182 3.41 -30.81 42.17
CA ALA D 182 4.05 -32.12 42.31
C ALA D 182 5.56 -31.98 42.20
N VAL D 183 6.27 -32.67 43.10
CA VAL D 183 7.72 -32.62 43.16
C VAL D 183 8.26 -34.04 43.15
N LEU D 184 9.25 -34.29 42.29
CA LEU D 184 9.86 -35.60 42.21
C LEU D 184 10.77 -35.84 43.42
N GLN D 185 11.11 -37.10 43.64
CA GLN D 185 12.08 -37.49 44.64
C GLN D 185 12.97 -38.60 44.06
N SER D 186 13.98 -38.99 44.83
CA SER D 186 14.95 -39.96 44.34
C SER D 186 14.30 -41.28 43.95
N SER D 187 13.21 -41.65 44.61
CA SER D 187 12.50 -42.87 44.23
C SER D 187 11.81 -42.73 42.88
N GLY D 188 11.68 -41.52 42.35
CA GLY D 188 11.01 -41.29 41.09
C GLY D 188 9.50 -41.21 41.18
N LEU D 189 8.93 -41.27 42.38
CA LEU D 189 7.49 -41.22 42.58
C LEU D 189 7.07 -39.77 42.82
N TYR D 190 5.83 -39.58 43.28
CA TYR D 190 5.23 -38.26 43.38
C TYR D 190 4.92 -37.90 44.83
N SER D 191 4.81 -36.59 45.09
CA SER D 191 4.51 -36.08 46.42
C SER D 191 3.74 -34.77 46.27
N LEU D 192 2.83 -34.51 47.22
CA LEU D 192 1.98 -33.32 47.16
C LEU D 192 1.32 -33.15 48.52
N SER D 193 0.91 -31.93 48.82
CA SER D 193 0.16 -31.67 50.05
C SER D 193 -0.73 -30.46 49.86
N SER D 194 -1.77 -30.38 50.69
CA SER D 194 -2.71 -29.26 50.66
C SER D 194 -2.93 -28.74 52.07
N VAL D 195 -2.96 -27.40 52.21
CA VAL D 195 -2.92 -26.73 53.50
C VAL D 195 -3.93 -25.59 53.55
N VAL D 196 -4.54 -25.41 54.73
CA VAL D 196 -5.32 -24.21 55.07
C VAL D 196 -5.01 -23.84 56.52
N THR D 197 -4.85 -22.54 56.77
CA THR D 197 -4.73 -22.07 58.14
C THR D 197 -6.11 -21.67 58.69
N VAL D 198 -6.33 -21.99 59.96
CA VAL D 198 -7.61 -21.71 60.62
C VAL D 198 -7.35 -21.06 61.97
N PRO D 199 -8.27 -20.27 62.51
CA PRO D 199 -8.07 -19.70 63.83
C PRO D 199 -8.16 -20.76 64.91
N SER D 200 -7.63 -20.41 66.08
CA SER D 200 -7.61 -21.34 67.21
C SER D 200 -9.00 -21.70 67.70
N SER D 201 -10.01 -20.89 67.38
CA SER D 201 -11.37 -21.19 67.80
C SER D 201 -11.95 -22.39 67.07
N SER D 202 -11.56 -22.59 65.80
CA SER D 202 -12.04 -23.71 65.00
C SER D 202 -11.29 -25.01 65.31
N LEU D 203 -10.37 -25.00 66.27
CA LEU D 203 -9.57 -26.18 66.56
C LEU D 203 -10.42 -27.34 67.05
N GLY D 204 -11.23 -27.10 68.08
CA GLY D 204 -12.00 -28.17 68.69
C GLY D 204 -13.50 -28.03 68.51
N THR D 205 -13.93 -27.17 67.60
CA THR D 205 -15.34 -26.92 67.39
C THR D 205 -15.89 -27.50 66.09
N GLN D 206 -15.03 -28.00 65.20
CA GLN D 206 -15.51 -28.54 63.93
C GLN D 206 -14.44 -29.46 63.37
N THR D 207 -14.88 -30.57 62.75
CA THR D 207 -13.97 -31.54 62.16
C THR D 207 -13.99 -31.42 60.64
N TYR D 208 -12.82 -31.57 60.03
CA TYR D 208 -12.64 -31.38 58.60
C TYR D 208 -12.28 -32.71 57.93
N ILE D 209 -12.44 -32.75 56.61
CA ILE D 209 -12.26 -33.96 55.81
C ILE D 209 -11.56 -33.63 54.51
N CYS D 210 -10.56 -34.43 54.14
CA CYS D 210 -9.96 -34.36 52.82
C CYS D 210 -10.43 -35.53 51.98
N ASN D 211 -11.06 -35.22 50.85
CA ASN D 211 -11.38 -36.22 49.83
C ASN D 211 -10.38 -36.07 48.68
N VAL D 212 -9.92 -37.20 48.17
CA VAL D 212 -8.95 -37.25 47.08
C VAL D 212 -9.38 -38.34 46.11
N ASN D 213 -9.51 -37.97 44.85
CA ASN D 213 -9.83 -38.93 43.80
C ASN D 213 -8.75 -38.90 42.73
N HIS D 214 -8.27 -40.07 42.36
CA HIS D 214 -7.22 -40.25 41.36
C HIS D 214 -7.83 -41.04 40.22
N LYS D 215 -8.31 -40.32 39.21
CA LYS D 215 -9.04 -40.95 38.11
C LYS D 215 -8.22 -41.94 37.30
N PRO D 216 -6.96 -41.67 36.94
CA PRO D 216 -6.20 -42.69 36.19
C PRO D 216 -6.12 -44.03 36.90
N SER D 217 -6.05 -44.04 38.22
CA SER D 217 -6.19 -45.26 39.01
C SER D 217 -7.57 -45.37 39.64
N ASN D 218 -8.51 -44.53 39.22
CA ASN D 218 -9.91 -44.47 39.69
C ASN D 218 -10.03 -44.89 41.15
N THR D 219 -9.26 -44.22 42.01
CA THR D 219 -9.24 -44.50 43.43
C THR D 219 -9.77 -43.30 44.21
N LYS D 220 -10.77 -43.54 45.06
CA LYS D 220 -11.37 -42.49 45.86
C LYS D 220 -11.08 -42.76 47.34
N VAL D 221 -10.59 -41.74 48.04
CA VAL D 221 -10.21 -41.88 49.44
C VAL D 221 -10.71 -40.65 50.20
N ASP D 222 -11.11 -40.86 51.45
CA ASP D 222 -11.56 -39.77 52.31
C ASP D 222 -10.98 -39.97 53.71
N LYS D 223 -10.45 -38.88 54.28
CA LYS D 223 -9.84 -38.96 55.60
C LYS D 223 -10.24 -37.76 56.45
N LYS D 224 -10.66 -38.02 57.68
CA LYS D 224 -11.01 -36.97 58.61
C LYS D 224 -9.75 -36.40 59.28
N VAL D 225 -9.92 -35.27 59.97
CA VAL D 225 -8.85 -34.61 60.69
C VAL D 225 -9.19 -34.62 62.17
N GLU D 226 -8.27 -35.14 62.99
CA GLU D 226 -8.46 -35.22 64.43
C GLU D 226 -7.39 -34.39 65.13
N PRO D 227 -7.76 -33.34 65.86
CA PRO D 227 -6.74 -32.57 66.58
C PRO D 227 -6.05 -33.39 67.65
N LYS D 228 -4.77 -33.11 67.85
CA LYS D 228 -3.97 -33.85 68.83
C LYS D 228 -3.07 -32.90 69.61
N THR E 1 -20.83 4.31 -5.39
CA THR E 1 -19.70 3.63 -6.00
C THR E 1 -18.44 3.73 -5.15
N GLN E 2 -17.38 3.05 -5.58
CA GLN E 2 -16.17 2.96 -4.76
C GLN E 2 -15.22 4.13 -4.95
N MET E 3 -15.45 4.99 -5.94
CA MET E 3 -14.62 6.17 -6.16
C MET E 3 -15.52 7.39 -6.31
N GLN E 4 -15.19 8.46 -5.60
CA GLN E 4 -15.93 9.72 -5.69
C GLN E 4 -15.03 10.78 -6.31
N LEU E 5 -15.52 11.42 -7.37
CA LEU E 5 -14.83 12.52 -8.02
C LEU E 5 -15.65 13.78 -7.85
N VAL E 6 -15.01 14.85 -7.37
CA VAL E 6 -15.65 16.14 -7.19
C VAL E 6 -14.81 17.21 -7.87
N GLN E 7 -15.47 18.31 -8.22
CA GLN E 7 -14.82 19.43 -8.90
C GLN E 7 -15.24 20.73 -8.22
N SER E 8 -14.69 21.83 -8.72
CA SER E 8 -15.04 23.15 -8.24
C SER E 8 -16.39 23.58 -8.83
N GLY E 9 -16.91 24.71 -8.35
CA GLY E 9 -18.18 25.22 -8.81
C GLY E 9 -18.04 26.05 -10.08
N THR E 10 -19.18 26.48 -10.60
CA THR E 10 -19.21 27.31 -11.78
C THR E 10 -18.70 28.71 -11.46
N GLU E 11 -17.83 29.23 -12.32
CA GLU E 11 -17.22 30.53 -12.10
C GLU E 11 -16.61 31.00 -13.41
N VAL E 12 -16.89 32.26 -13.77
CA VAL E 12 -16.44 32.82 -15.03
C VAL E 12 -15.68 34.10 -14.74
N LYS E 13 -14.86 34.51 -15.71
CA LYS E 13 -13.96 35.64 -15.53
C LYS E 13 -13.94 36.47 -16.80
N LYS E 14 -13.47 37.72 -16.67
CA LYS E 14 -13.16 38.52 -17.83
C LYS E 14 -11.88 38.00 -18.50
N PRO E 15 -11.66 38.30 -19.78
CA PRO E 15 -10.45 37.81 -20.43
C PRO E 15 -9.21 38.56 -19.98
N GLY E 16 -8.07 37.88 -20.07
CA GLY E 16 -6.80 38.46 -19.70
C GLY E 16 -6.12 37.83 -18.50
N GLU E 17 -6.90 37.50 -17.47
CA GLU E 17 -6.35 36.96 -16.22
C GLU E 17 -6.08 35.47 -16.36
N SER E 18 -5.84 34.81 -15.23
CA SER E 18 -5.56 33.39 -15.19
C SER E 18 -6.82 32.63 -14.81
N LEU E 19 -6.70 31.32 -14.62
CA LEU E 19 -7.84 30.51 -14.18
C LEU E 19 -7.33 29.32 -13.40
N LYS E 20 -8.00 29.04 -12.29
CA LYS E 20 -7.63 28.02 -11.30
C LYS E 20 -8.82 27.08 -11.12
N ILE E 21 -8.71 25.84 -11.60
CA ILE E 21 -9.74 24.85 -11.33
C ILE E 21 -9.08 23.57 -10.80
N SER E 22 -9.86 22.80 -10.04
CA SER E 22 -9.33 21.65 -9.33
C SER E 22 -10.28 20.46 -9.42
N CYS E 23 -9.73 19.27 -9.25
CA CYS E 23 -10.48 18.03 -9.23
C CYS E 23 -9.93 17.13 -8.13
N LYS E 24 -10.84 16.61 -7.29
CA LYS E 24 -10.49 15.80 -6.13
C LYS E 24 -11.12 14.42 -6.23
N GLY E 25 -10.39 13.42 -5.73
CA GLY E 25 -10.91 12.07 -5.66
C GLY E 25 -10.87 11.51 -4.24
N SER E 26 -11.75 10.55 -3.96
CA SER E 26 -11.83 10.00 -2.61
C SER E 26 -12.35 8.57 -2.65
N GLY E 27 -11.81 7.73 -1.79
CA GLY E 27 -12.26 6.36 -1.70
C GLY E 27 -11.15 5.35 -1.50
N TYR E 28 -11.39 4.11 -1.89
CA TYR E 28 -10.43 3.03 -1.75
C TYR E 28 -9.75 2.78 -3.09
N GLY E 29 -8.43 2.60 -3.06
CA GLY E 29 -7.70 2.26 -4.28
C GLY E 29 -7.43 3.41 -5.21
N PHE E 30 -7.58 4.65 -4.73
CA PHE E 30 -7.35 5.82 -5.57
C PHE E 30 -5.91 5.91 -6.05
N ILE E 31 -4.97 5.29 -5.33
CA ILE E 31 -3.56 5.40 -5.70
C ILE E 31 -3.24 4.82 -7.05
N THR E 32 -4.17 4.09 -7.67
CA THR E 32 -3.98 3.54 -8.99
C THR E 32 -4.82 4.27 -10.04
N TYR E 33 -5.01 5.58 -9.88
CA TYR E 33 -5.92 6.35 -10.71
C TYR E 33 -5.19 7.50 -11.37
N TRP E 34 -5.37 7.64 -12.68
CA TRP E 34 -4.91 8.81 -13.41
C TRP E 34 -6.06 9.77 -13.66
N ILE E 35 -5.75 11.05 -13.75
CA ILE E 35 -6.76 12.10 -13.91
C ILE E 35 -6.61 12.70 -15.30
N GLY E 36 -7.68 12.67 -16.08
CA GLY E 36 -7.69 13.29 -17.39
C GLY E 36 -8.73 14.37 -17.48
N TRP E 37 -8.59 15.28 -18.44
CA TRP E 37 -9.51 16.41 -18.56
C TRP E 37 -10.11 16.44 -19.96
N VAL E 38 -11.41 16.71 -20.02
CA VAL E 38 -12.17 16.69 -21.27
C VAL E 38 -12.94 17.98 -21.42
N ARG E 39 -13.05 18.47 -22.65
CA ARG E 39 -13.69 19.74 -22.94
C ARG E 39 -14.86 19.53 -23.90
N GLN E 40 -15.94 20.28 -23.70
CA GLN E 40 -17.08 20.30 -24.61
C GLN E 40 -17.47 21.73 -24.91
N MET E 41 -17.51 22.05 -26.21
CA MET E 41 -18.13 23.26 -26.69
C MET E 41 -19.65 23.12 -26.55
N PRO E 42 -20.39 24.23 -26.51
CA PRO E 42 -21.86 24.12 -26.49
C PRO E 42 -22.39 23.53 -27.78
N GLY E 43 -23.05 22.39 -27.66
CA GLY E 43 -23.60 21.71 -28.81
C GLY E 43 -22.63 20.87 -29.62
N LYS E 44 -21.45 20.57 -29.08
CA LYS E 44 -20.47 19.78 -29.82
C LYS E 44 -20.05 18.55 -29.02
N GLY E 45 -19.03 17.83 -29.49
CA GLY E 45 -18.53 16.64 -28.85
C GLY E 45 -17.47 16.91 -27.80
N LEU E 46 -16.69 15.88 -27.50
CA LEU E 46 -15.62 15.95 -26.52
C LEU E 46 -14.26 16.15 -27.17
N GLU E 47 -13.35 16.80 -26.44
CA GLU E 47 -11.96 16.94 -26.83
C GLU E 47 -11.09 16.63 -25.61
N TRP E 48 -9.88 16.17 -25.87
CA TRP E 48 -8.92 15.87 -24.80
C TRP E 48 -7.87 16.97 -24.79
N MET E 49 -7.57 17.49 -23.60
CA MET E 49 -6.42 18.39 -23.42
C MET E 49 -5.27 17.78 -22.65
N GLY E 50 -5.49 17.17 -21.50
CA GLY E 50 -4.37 16.65 -20.74
C GLY E 50 -4.71 15.49 -19.82
N ILE E 51 -3.64 14.79 -19.39
CA ILE E 51 -3.73 13.71 -18.41
C ILE E 51 -2.51 13.78 -17.49
N ILE E 52 -2.71 13.33 -16.25
CA ILE E 52 -1.68 13.47 -15.22
C ILE E 52 -1.86 12.36 -14.19
N TYR E 53 -0.80 12.11 -13.43
CA TYR E 53 -0.74 11.14 -12.35
C TYR E 53 -0.58 11.87 -11.02
N PRO E 54 -1.26 11.45 -9.95
CA PRO E 54 -1.25 12.28 -8.73
C PRO E 54 0.04 12.21 -7.95
N GLY E 55 0.68 11.04 -7.89
CA GLY E 55 1.86 10.85 -7.06
C GLY E 55 3.12 11.55 -7.52
N ASP E 56 3.68 11.10 -8.66
CA ASP E 56 4.96 11.60 -9.13
C ASP E 56 4.85 12.74 -10.13
N SER E 57 3.63 13.19 -10.43
CA SER E 57 3.38 14.32 -11.33
C SER E 57 4.00 14.07 -12.71
N GLU E 58 3.61 12.96 -13.32
CA GLU E 58 3.90 12.69 -14.72
C GLU E 58 2.76 13.24 -15.57
N THR E 59 3.09 14.01 -16.59
CA THR E 59 2.10 14.70 -17.39
C THR E 59 2.17 14.24 -18.85
N ARG E 60 1.01 14.23 -19.50
CA ARG E 60 0.94 14.05 -20.94
C ARG E 60 -0.09 15.02 -21.49
N TYR E 61 0.25 15.69 -22.58
CA TYR E 61 -0.58 16.75 -23.14
C TYR E 61 -1.07 16.38 -24.52
N SER E 62 -2.17 17.02 -24.92
CA SER E 62 -2.69 16.86 -26.27
C SER E 62 -1.76 17.55 -27.26
N PRO E 63 -1.73 17.07 -28.51
CA PRO E 63 -0.85 17.70 -29.51
C PRO E 63 -1.18 19.16 -29.79
N SER E 64 -2.38 19.63 -29.44
CA SER E 64 -2.83 20.96 -29.81
C SER E 64 -3.03 21.90 -28.64
N PHE E 65 -2.55 21.55 -27.44
CA PHE E 65 -2.82 22.34 -26.25
C PHE E 65 -1.59 22.64 -25.41
N GLN E 66 -0.38 22.34 -25.88
CA GLN E 66 0.81 22.62 -25.09
C GLN E 66 1.01 24.13 -24.97
N GLY E 67 1.34 24.58 -23.75
CA GLY E 67 1.68 25.96 -23.51
C GLY E 67 0.53 26.84 -23.05
N GLN E 68 -0.69 26.55 -23.50
CA GLN E 68 -1.83 27.38 -23.12
C GLN E 68 -2.50 26.93 -21.83
N VAL E 69 -2.37 25.65 -21.47
CA VAL E 69 -2.98 25.12 -20.26
C VAL E 69 -1.90 24.42 -19.44
N THR E 70 -1.90 24.66 -18.14
CA THR E 70 -0.92 24.07 -17.23
C THR E 70 -1.60 23.02 -16.37
N ILE E 71 -0.98 21.85 -16.26
CA ILE E 71 -1.53 20.74 -15.47
C ILE E 71 -0.62 20.51 -14.29
N SER E 72 -1.21 20.43 -13.09
CA SER E 72 -0.43 20.19 -11.88
C SER E 72 -1.14 19.14 -11.02
N ALA E 73 -0.38 18.52 -10.13
CA ALA E 73 -0.92 17.54 -9.20
C ALA E 73 -0.34 17.78 -7.81
N ASP E 74 -1.06 17.33 -6.79
CA ASP E 74 -0.56 17.40 -5.42
C ASP E 74 -1.02 16.16 -4.67
N LYS E 75 -0.06 15.34 -4.25
CA LYS E 75 -0.36 14.08 -3.58
C LYS E 75 -0.73 14.26 -2.11
N SER E 76 -0.49 15.44 -1.54
CA SER E 76 -0.77 15.61 -0.11
C SER E 76 -2.26 15.57 0.18
N ILE E 77 -3.05 16.42 -0.48
CA ILE E 77 -4.49 16.30 -0.46
C ILE E 77 -5.00 15.46 -1.64
N ASN E 78 -4.08 15.01 -2.49
CA ASN E 78 -4.30 13.92 -3.44
C ASN E 78 -5.29 14.35 -4.54
N THR E 79 -5.01 15.52 -5.13
CA THR E 79 -5.89 16.13 -6.14
C THR E 79 -5.08 16.62 -7.33
N ALA E 80 -5.78 17.13 -8.34
CA ALA E 80 -5.17 17.66 -9.55
C ALA E 80 -5.73 19.04 -9.86
N TYR E 81 -4.92 19.89 -10.51
CA TYR E 81 -5.31 21.25 -10.83
C TYR E 81 -5.01 21.57 -12.29
N LEU E 82 -5.84 22.48 -12.84
CA LEU E 82 -5.65 23.03 -14.17
C LEU E 82 -5.58 24.56 -14.09
N GLN E 83 -4.58 25.12 -14.78
CA GLN E 83 -4.30 26.54 -14.84
C GLN E 83 -4.47 27.06 -16.25
N TRP E 84 -5.00 28.28 -16.37
CA TRP E 84 -5.06 28.99 -17.64
C TRP E 84 -4.30 30.30 -17.50
N SER E 85 -3.28 30.49 -18.33
CA SER E 85 -2.48 31.70 -18.26
C SER E 85 -3.24 32.92 -18.78
N SER E 86 -3.90 32.79 -19.93
CA SER E 86 -4.67 33.87 -20.53
C SER E 86 -6.00 33.32 -21.01
N LEU E 87 -7.03 34.16 -20.96
CA LEU E 87 -8.38 33.77 -21.33
C LEU E 87 -8.82 34.51 -22.58
N LYS E 88 -9.41 33.78 -23.52
CA LYS E 88 -9.91 34.31 -24.77
C LYS E 88 -11.44 34.29 -24.76
N ALA E 89 -12.02 34.78 -25.86
CA ALA E 89 -13.47 34.73 -26.01
C ALA E 89 -13.94 33.32 -26.40
N SER E 90 -13.05 32.51 -26.95
CA SER E 90 -13.38 31.16 -27.40
C SER E 90 -13.16 30.10 -26.32
N ASP E 91 -13.00 30.51 -25.07
CA ASP E 91 -12.75 29.61 -23.96
C ASP E 91 -13.96 29.50 -23.04
N THR E 92 -15.15 29.53 -23.62
CA THR E 92 -16.41 29.48 -22.87
C THR E 92 -17.02 28.11 -23.15
N ALA E 93 -16.89 27.18 -22.21
CA ALA E 93 -17.24 25.79 -22.49
C ALA E 93 -17.43 25.05 -21.17
N ILE E 94 -17.71 23.75 -21.29
CA ILE E 94 -17.98 22.90 -20.13
C ILE E 94 -16.89 21.85 -20.04
N TYR E 95 -16.25 21.76 -18.87
CA TYR E 95 -15.06 20.95 -18.69
C TYR E 95 -15.33 19.87 -17.64
N TYR E 96 -14.82 18.67 -17.91
CA TYR E 96 -14.95 17.53 -17.03
C TYR E 96 -13.58 17.05 -16.59
N CYS E 97 -13.44 16.74 -15.31
CA CYS E 97 -12.33 15.95 -14.82
C CYS E 97 -12.81 14.51 -14.68
N ALA E 98 -12.00 13.55 -15.12
CA ALA E 98 -12.42 12.17 -15.12
C ALA E 98 -11.26 11.28 -14.71
N GLY E 99 -11.58 10.10 -14.20
CA GLY E 99 -10.59 9.21 -13.64
C GLY E 99 -10.49 7.89 -14.40
N GLY E 100 -9.27 7.41 -14.57
CA GLY E 100 -9.04 6.13 -15.21
C GLY E 100 -7.84 5.41 -14.64
N SER E 101 -8.05 4.15 -14.22
CA SER E 101 -7.00 3.41 -13.53
C SER E 101 -5.99 2.89 -14.55
N GLY E 102 -4.84 3.53 -14.59
CA GLY E 102 -3.75 3.13 -15.47
C GLY E 102 -3.71 4.00 -16.72
N ILE E 103 -2.82 3.60 -17.63
CA ILE E 103 -2.72 4.19 -18.96
C ILE E 103 -3.35 3.23 -19.95
N SER E 104 -3.91 3.78 -21.03
CA SER E 104 -4.64 2.98 -22.02
C SER E 104 -5.78 2.21 -21.38
N THR E 105 -6.54 2.89 -20.52
CA THR E 105 -7.64 2.32 -19.78
C THR E 105 -8.93 3.07 -20.10
N PRO E 106 -10.08 2.40 -20.01
CA PRO E 106 -11.34 3.11 -20.22
C PRO E 106 -11.53 4.23 -19.21
N MET E 107 -12.18 5.30 -19.65
CA MET E 107 -12.35 6.50 -18.84
C MET E 107 -13.72 6.43 -18.19
N ASP E 108 -13.80 5.64 -17.12
CA ASP E 108 -15.09 5.17 -16.62
C ASP E 108 -15.79 6.13 -15.67
N VAL E 109 -15.14 6.57 -14.59
CA VAL E 109 -15.76 7.41 -13.58
C VAL E 109 -15.59 8.87 -13.98
N TRP E 110 -16.60 9.68 -13.66
CA TRP E 110 -16.61 11.08 -14.05
C TRP E 110 -17.15 11.93 -12.91
N GLY E 111 -16.85 13.23 -12.98
CA GLY E 111 -17.43 14.21 -12.09
C GLY E 111 -18.72 14.77 -12.66
N GLN E 112 -18.98 16.03 -12.34
CA GLN E 112 -20.13 16.72 -12.90
C GLN E 112 -19.75 17.80 -13.92
N GLY E 113 -18.57 18.37 -13.81
CA GLY E 113 -18.11 19.37 -14.75
C GLY E 113 -18.47 20.78 -14.34
N THR E 114 -17.74 21.75 -14.90
CA THR E 114 -17.97 23.15 -14.63
C THR E 114 -17.81 23.96 -15.91
N THR E 115 -18.53 25.08 -15.99
CA THR E 115 -18.60 25.86 -17.21
C THR E 115 -17.97 27.23 -17.00
N VAL E 116 -17.43 27.80 -18.09
CA VAL E 116 -16.76 29.10 -18.04
C VAL E 116 -17.18 29.92 -19.25
N THR E 117 -17.34 31.23 -19.05
CA THR E 117 -17.80 32.14 -20.11
C THR E 117 -17.11 33.49 -19.97
N VAL E 118 -17.45 34.41 -20.88
CA VAL E 118 -16.94 35.78 -20.86
C VAL E 118 -18.06 36.70 -21.38
N ALA E 119 -18.47 37.68 -20.58
CA ALA E 119 -19.46 38.67 -21.01
C ALA E 119 -19.49 39.82 -20.01
N SER E 120 -20.47 40.71 -20.15
CA SER E 120 -20.64 41.88 -19.31
C SER E 120 -22.04 41.90 -18.69
N THR E 121 -22.10 42.16 -17.39
CA THR E 121 -23.29 41.88 -16.58
C THR E 121 -24.44 42.83 -16.90
N LYS E 122 -25.65 42.31 -16.74
CA LYS E 122 -26.89 43.07 -16.87
C LYS E 122 -28.06 42.24 -16.35
N GLY E 123 -29.02 42.92 -15.73
CA GLY E 123 -30.24 42.29 -15.25
C GLY E 123 -31.34 42.30 -16.30
N PRO E 124 -32.30 41.37 -16.16
CA PRO E 124 -33.23 41.09 -17.25
C PRO E 124 -34.42 42.03 -17.27
N SER E 125 -35.29 41.81 -18.26
CA SER E 125 -36.60 42.47 -18.34
C SER E 125 -37.59 41.50 -18.95
N VAL E 126 -38.88 41.62 -18.60
CA VAL E 126 -39.89 40.64 -18.99
C VAL E 126 -41.11 41.35 -19.54
N PHE E 127 -41.63 40.85 -20.66
CA PHE E 127 -42.78 41.39 -21.37
C PHE E 127 -43.80 40.28 -21.61
N PRO E 128 -45.11 40.61 -21.62
CA PRO E 128 -46.14 39.57 -21.77
C PRO E 128 -46.63 39.36 -23.20
N LEU E 129 -47.37 38.28 -23.43
CA LEU E 129 -47.98 37.99 -24.72
C LEU E 129 -49.26 37.19 -24.50
N ALA E 130 -50.39 37.70 -24.99
CA ALA E 130 -51.68 37.04 -24.97
C ALA E 130 -52.42 37.30 -26.28
N PRO E 131 -52.99 36.27 -26.90
CA PRO E 131 -53.63 36.46 -28.20
C PRO E 131 -55.11 36.80 -28.11
N SER E 132 -55.77 36.89 -29.27
CA SER E 132 -57.20 37.09 -29.35
C SER E 132 -57.70 36.51 -30.67
N SER E 133 -59.00 36.25 -30.73
CA SER E 133 -59.61 35.68 -31.92
C SER E 133 -59.54 36.64 -33.11
N GLY E 138 -63.27 30.26 -30.23
CA GLY E 138 -62.11 29.56 -30.71
C GLY E 138 -61.82 28.28 -29.94
N GLY E 139 -60.61 27.75 -30.11
CA GLY E 139 -60.21 26.53 -29.44
C GLY E 139 -59.34 26.79 -28.23
N THR E 140 -58.03 26.64 -28.39
CA THR E 140 -57.06 26.92 -27.34
C THR E 140 -56.19 28.09 -27.74
N ALA E 141 -55.86 28.95 -26.78
CA ALA E 141 -55.04 30.13 -27.01
C ALA E 141 -53.73 29.99 -26.26
N ALA E 142 -52.68 30.58 -26.82
CA ALA E 142 -51.32 30.41 -26.30
C ALA E 142 -50.88 31.68 -25.59
N LEU E 143 -50.63 31.56 -24.29
CA LEU E 143 -50.11 32.67 -23.48
C LEU E 143 -48.61 32.50 -23.34
N GLY E 144 -47.92 33.58 -23.01
CA GLY E 144 -46.50 33.50 -22.75
C GLY E 144 -45.92 34.80 -22.24
N CYS E 145 -44.66 34.74 -21.85
CA CYS E 145 -43.85 35.92 -21.59
C CYS E 145 -42.42 35.71 -22.06
N LEU E 146 -41.78 36.80 -22.50
CA LEU E 146 -40.40 36.78 -22.94
C LEU E 146 -39.56 37.62 -22.00
N VAL E 147 -38.27 37.32 -21.95
CA VAL E 147 -37.30 38.00 -21.11
C VAL E 147 -36.06 38.29 -21.93
N LYS E 148 -35.50 39.49 -21.73
CA LYS E 148 -34.38 39.97 -22.53
C LYS E 148 -33.30 40.55 -21.65
N ASP E 149 -32.07 40.55 -22.17
CA ASP E 149 -30.94 41.29 -21.62
C ASP E 149 -30.58 40.83 -20.21
N TYR E 150 -30.17 39.56 -20.12
CA TYR E 150 -29.67 39.02 -18.86
C TYR E 150 -28.45 38.15 -19.12
N PHE E 151 -27.59 38.05 -18.10
CA PHE E 151 -26.37 37.25 -18.13
C PHE E 151 -25.87 37.30 -16.69
N PRO E 152 -25.30 36.22 -16.13
CA PRO E 152 -25.21 34.85 -16.65
C PRO E 152 -26.53 34.08 -16.72
N GLU E 153 -26.40 32.82 -17.10
CA GLU E 153 -27.46 31.84 -16.94
C GLU E 153 -27.41 31.28 -15.53
N PRO E 154 -28.53 30.72 -15.04
CA PRO E 154 -29.86 30.65 -15.64
C PRO E 154 -30.89 31.54 -14.94
N VAL E 155 -32.11 31.57 -15.47
CA VAL E 155 -33.25 32.20 -14.81
C VAL E 155 -34.31 31.13 -14.59
N THR E 156 -34.78 31.03 -13.36
CA THR E 156 -35.83 30.07 -13.06
C THR E 156 -37.18 30.69 -13.40
N VAL E 157 -37.89 30.08 -14.35
CA VAL E 157 -39.20 30.53 -14.77
C VAL E 157 -40.26 29.68 -14.07
N SER E 158 -41.45 30.26 -13.90
CA SER E 158 -42.48 29.57 -13.14
C SER E 158 -43.85 30.05 -13.58
N TRP E 159 -44.81 29.12 -13.48
CA TRP E 159 -46.18 29.26 -13.97
C TRP E 159 -47.14 29.07 -12.81
N ASN E 160 -47.71 30.17 -12.31
CA ASN E 160 -48.59 30.15 -11.15
C ASN E 160 -47.91 29.47 -9.97
N SER E 161 -46.63 29.78 -9.77
CA SER E 161 -45.80 29.11 -8.76
C SER E 161 -45.80 27.60 -8.95
N GLY E 162 -45.74 27.17 -10.22
CA GLY E 162 -45.68 25.76 -10.52
C GLY E 162 -47.00 25.03 -10.50
N ALA E 163 -48.11 25.76 -10.36
CA ALA E 163 -49.43 25.13 -10.31
C ALA E 163 -49.85 24.52 -11.63
N LEU E 164 -49.25 24.93 -12.74
CA LEU E 164 -49.59 24.42 -14.06
C LEU E 164 -48.32 23.82 -14.66
N THR E 165 -48.30 22.49 -14.79
CA THR E 165 -47.12 21.77 -15.25
C THR E 165 -47.49 20.85 -16.42
N SER E 166 -48.22 21.41 -17.39
CA SER E 166 -48.58 20.69 -18.59
C SER E 166 -48.79 21.69 -19.71
N GLY E 167 -48.22 21.39 -20.88
CA GLY E 167 -48.27 22.34 -21.98
C GLY E 167 -47.29 23.48 -21.84
N VAL E 168 -46.33 23.36 -20.92
CA VAL E 168 -45.30 24.37 -20.72
C VAL E 168 -44.19 24.13 -21.71
N HIS E 169 -43.68 25.21 -22.32
CA HIS E 169 -42.49 25.15 -23.15
C HIS E 169 -41.68 26.41 -22.89
N THR E 170 -40.50 26.26 -22.29
CA THR E 170 -39.57 27.35 -22.10
C THR E 170 -38.46 27.24 -23.12
N PHE E 171 -38.23 28.31 -23.84
CA PHE E 171 -37.28 28.21 -24.93
C PHE E 171 -35.85 28.26 -24.41
N PRO E 172 -35.01 27.28 -24.75
CA PRO E 172 -33.61 27.33 -24.31
C PRO E 172 -32.94 28.63 -24.70
N ALA E 173 -32.39 29.34 -23.71
CA ALA E 173 -31.84 30.66 -23.95
C ALA E 173 -30.75 30.63 -25.00
N VAL E 174 -30.79 31.61 -25.91
CA VAL E 174 -29.85 31.71 -27.02
C VAL E 174 -29.36 33.14 -27.11
N LEU E 175 -28.05 33.29 -27.28
CA LEU E 175 -27.46 34.63 -27.34
C LEU E 175 -27.87 35.35 -28.62
N GLN E 176 -28.05 36.66 -28.50
CA GLN E 176 -28.40 37.49 -29.64
C GLN E 176 -27.13 38.04 -30.28
N SER E 177 -27.30 39.02 -31.18
CA SER E 177 -26.16 39.53 -31.93
C SER E 177 -25.13 40.19 -31.03
N SER E 178 -25.58 41.06 -30.12
CA SER E 178 -24.66 41.81 -29.28
C SER E 178 -24.16 41.01 -28.07
N GLY E 179 -24.44 39.71 -28.01
CA GLY E 179 -23.87 38.86 -26.98
C GLY E 179 -24.72 38.66 -25.74
N LEU E 180 -25.80 39.42 -25.57
CA LEU E 180 -26.66 39.25 -24.41
C LEU E 180 -27.56 38.03 -24.62
N TYR E 181 -28.51 37.82 -23.71
CA TYR E 181 -29.30 36.59 -23.72
C TYR E 181 -30.79 36.93 -23.69
N SER E 182 -31.58 36.13 -24.40
CA SER E 182 -33.02 36.28 -24.43
C SER E 182 -33.67 34.90 -24.30
N LEU E 183 -34.90 34.88 -23.81
CA LEU E 183 -35.60 33.64 -23.52
C LEU E 183 -37.10 33.92 -23.61
N SER E 184 -37.89 32.86 -23.78
CA SER E 184 -39.33 33.00 -23.85
C SER E 184 -39.99 31.71 -23.38
N SER E 185 -41.13 31.85 -22.69
CA SER E 185 -41.87 30.71 -22.20
C SER E 185 -43.34 30.86 -22.56
N VAL E 186 -43.96 29.75 -22.96
CA VAL E 186 -45.33 29.74 -23.47
C VAL E 186 -46.08 28.51 -22.97
N VAL E 187 -47.40 28.65 -22.88
CA VAL E 187 -48.32 27.54 -22.65
C VAL E 187 -49.54 27.71 -23.54
N THR E 188 -50.30 26.63 -23.67
CA THR E 188 -51.61 26.65 -24.32
C THR E 188 -52.70 26.39 -23.28
N VAL E 189 -53.78 27.16 -23.37
CA VAL E 189 -54.86 27.10 -22.40
C VAL E 189 -56.18 27.12 -23.15
N PRO E 190 -57.17 26.31 -22.75
CA PRO E 190 -58.49 26.38 -23.39
C PRO E 190 -59.11 27.77 -23.25
N SER E 191 -59.83 28.17 -24.29
CA SER E 191 -60.42 29.50 -24.35
C SER E 191 -61.58 29.69 -23.38
N SER E 192 -61.86 28.72 -22.51
CA SER E 192 -62.99 28.86 -21.60
C SER E 192 -62.65 29.73 -20.40
N SER E 193 -61.47 29.54 -19.81
CA SER E 193 -61.07 30.23 -18.59
C SER E 193 -60.23 31.47 -18.86
N LEU E 194 -60.49 32.17 -19.96
CA LEU E 194 -59.65 33.30 -20.36
C LEU E 194 -59.72 34.44 -19.34
N GLY E 195 -60.91 34.82 -18.91
CA GLY E 195 -61.08 35.97 -18.04
C GLY E 195 -61.61 35.63 -16.66
N THR E 196 -61.18 34.49 -16.13
CA THR E 196 -61.61 34.05 -14.80
C THR E 196 -60.49 34.18 -13.78
N GLN E 197 -59.27 33.75 -14.12
CA GLN E 197 -58.13 33.82 -13.23
C GLN E 197 -56.95 34.45 -13.96
N THR E 198 -56.00 34.95 -13.18
CA THR E 198 -54.80 35.57 -13.74
C THR E 198 -53.76 34.54 -14.11
N TYR E 199 -52.90 34.90 -15.06
CA TYR E 199 -51.69 34.15 -15.39
C TYR E 199 -50.48 35.00 -15.07
N ILE E 200 -49.49 34.40 -14.43
CA ILE E 200 -48.34 35.12 -13.90
C ILE E 200 -47.09 34.38 -14.33
N CYS E 201 -46.15 35.09 -14.95
CA CYS E 201 -44.80 34.58 -15.14
C CYS E 201 -43.91 34.99 -13.99
N ASN E 202 -43.37 34.00 -13.28
CA ASN E 202 -42.39 34.21 -12.22
C ASN E 202 -41.01 33.99 -12.81
N VAL E 203 -40.08 34.89 -12.52
CA VAL E 203 -38.69 34.73 -12.94
C VAL E 203 -37.78 35.10 -11.77
N ASN E 204 -36.85 34.21 -11.46
CA ASN E 204 -35.87 34.43 -10.41
C ASN E 204 -34.48 34.35 -11.01
N HIS E 205 -33.63 35.33 -10.67
CA HIS E 205 -32.26 35.39 -11.15
C HIS E 205 -31.31 35.39 -9.96
N LYS E 206 -30.53 34.31 -9.82
CA LYS E 206 -29.52 34.26 -8.78
C LYS E 206 -28.42 35.31 -8.95
N PRO E 207 -27.78 35.45 -10.12
CA PRO E 207 -26.70 36.46 -10.22
C PRO E 207 -27.17 37.86 -9.91
N SER E 208 -28.36 38.24 -10.33
CA SER E 208 -28.96 39.51 -9.94
C SER E 208 -29.86 39.37 -8.72
N ASN E 209 -30.01 38.15 -8.20
CA ASN E 209 -30.86 37.82 -7.04
C ASN E 209 -32.18 38.58 -7.08
N THR E 210 -32.81 38.65 -8.24
CA THR E 210 -34.01 39.45 -8.45
C THR E 210 -35.20 38.55 -8.74
N LYS E 211 -36.32 38.85 -8.12
CA LYS E 211 -37.59 38.16 -8.33
C LYS E 211 -38.53 39.11 -9.06
N VAL E 212 -39.07 38.68 -10.20
CA VAL E 212 -39.99 39.48 -10.97
C VAL E 212 -41.22 38.63 -11.28
N ASP E 213 -42.41 39.22 -11.12
CA ASP E 213 -43.67 38.58 -11.46
C ASP E 213 -44.43 39.45 -12.45
N LYS E 214 -44.87 38.84 -13.54
CA LYS E 214 -45.52 39.56 -14.64
C LYS E 214 -46.93 39.06 -14.82
N LYS E 215 -47.86 40.00 -14.98
CA LYS E 215 -49.29 39.75 -15.08
C LYS E 215 -49.72 39.72 -16.55
N VAL E 216 -50.46 38.68 -16.93
CA VAL E 216 -50.84 38.46 -18.32
C VAL E 216 -52.36 38.44 -18.43
N GLU E 217 -52.90 39.28 -19.31
CA GLU E 217 -54.32 39.28 -19.63
C GLU E 217 -54.45 39.42 -21.15
N PRO E 218 -55.56 38.97 -21.73
CA PRO E 218 -55.82 39.27 -23.14
C PRO E 218 -56.10 40.75 -23.35
N LYS E 219 -55.83 41.20 -24.56
CA LYS E 219 -55.96 42.61 -24.92
C LYS E 219 -57.41 42.88 -25.30
N SER E 220 -58.01 43.89 -24.68
CA SER E 220 -59.38 44.30 -24.99
C SER E 220 -59.49 44.79 -26.43
N ASP F 1 -1.57 10.28 -34.08
CA ASP F 1 -2.96 10.47 -33.72
C ASP F 1 -3.88 9.61 -34.58
N ILE F 2 -4.89 9.00 -33.96
CA ILE F 2 -5.81 8.11 -34.64
C ILE F 2 -7.15 8.83 -34.77
N GLN F 3 -7.75 8.78 -35.96
CA GLN F 3 -8.98 9.49 -36.26
C GLN F 3 -10.15 8.52 -36.32
N LEU F 4 -11.33 9.03 -35.99
CA LEU F 4 -12.55 8.24 -35.96
C LEU F 4 -13.61 8.91 -36.83
N THR F 5 -14.74 8.22 -36.97
CA THR F 5 -15.91 8.76 -37.66
C THR F 5 -17.13 7.94 -37.28
N GLN F 6 -18.29 8.60 -37.25
CA GLN F 6 -19.54 7.96 -36.87
C GLN F 6 -20.60 8.19 -37.95
N SER F 7 -21.57 7.28 -37.99
CA SER F 7 -22.68 7.37 -38.93
C SER F 7 -23.88 6.59 -38.42
N PRO F 8 -25.08 7.19 -38.40
CA PRO F 8 -25.43 8.56 -38.81
C PRO F 8 -25.21 9.58 -37.70
N ASP F 9 -25.13 10.87 -38.05
CA ASP F 9 -25.10 11.92 -37.03
C ASP F 9 -26.41 11.96 -36.25
N SER F 10 -27.54 11.83 -36.95
CA SER F 10 -28.85 11.78 -36.33
C SER F 10 -29.65 10.63 -36.93
N LEU F 11 -30.60 10.12 -36.16
CA LEU F 11 -31.32 8.92 -36.54
C LEU F 11 -32.78 9.04 -36.10
N ALA F 12 -33.65 8.35 -36.84
CA ALA F 12 -35.09 8.37 -36.58
C ALA F 12 -35.62 6.95 -36.65
N VAL F 13 -36.03 6.41 -35.49
CA VAL F 13 -36.57 5.05 -35.39
C VAL F 13 -37.68 5.06 -34.36
N SER F 14 -38.72 4.27 -34.62
CA SER F 14 -39.87 4.16 -33.73
C SER F 14 -39.45 3.51 -32.41
N LEU F 15 -40.43 3.35 -31.52
CA LEU F 15 -40.17 2.80 -30.20
C LEU F 15 -40.28 1.28 -30.22
N GLY F 16 -39.30 0.62 -29.61
CA GLY F 16 -39.31 -0.83 -29.50
C GLY F 16 -38.69 -1.59 -30.65
N GLU F 17 -37.82 -0.96 -31.43
CA GLU F 17 -37.12 -1.62 -32.51
C GLU F 17 -35.61 -1.45 -32.36
N ARG F 18 -34.86 -1.83 -33.39
CA ARG F 18 -33.41 -1.82 -33.36
C ARG F 18 -32.88 -0.51 -33.93
N ALA F 19 -31.85 0.03 -33.28
CA ALA F 19 -31.16 1.24 -33.72
C ALA F 19 -29.68 0.95 -33.83
N THR F 20 -29.04 1.56 -34.84
CA THR F 20 -27.65 1.24 -35.17
C THR F 20 -26.81 2.52 -35.21
N ILE F 21 -25.53 2.38 -34.85
CA ILE F 21 -24.53 3.43 -35.04
C ILE F 21 -23.22 2.77 -35.42
N ASN F 22 -22.55 3.32 -36.42
CA ASN F 22 -21.32 2.74 -36.95
C ASN F 22 -20.16 3.69 -36.69
N CYS F 23 -19.06 3.16 -36.14
CA CYS F 23 -17.88 3.94 -35.84
C CYS F 23 -16.68 3.29 -36.52
N LYS F 24 -15.97 4.06 -37.34
CA LYS F 24 -14.79 3.59 -38.06
C LYS F 24 -13.57 4.35 -37.58
N SER F 25 -12.44 3.66 -37.53
CA SER F 25 -11.18 4.25 -37.12
C SER F 25 -10.34 4.62 -38.33
N SER F 26 -9.16 5.18 -38.06
CA SER F 26 -8.20 5.53 -39.11
C SER F 26 -7.15 4.43 -39.31
N GLN F 27 -6.63 3.87 -38.22
CA GLN F 27 -5.68 2.77 -38.27
C GLN F 27 -6.20 1.62 -37.41
N SER F 28 -5.46 0.52 -37.40
CA SER F 28 -5.82 -0.62 -36.57
C SER F 28 -5.65 -0.28 -35.09
N VAL F 29 -6.62 -0.68 -34.28
CA VAL F 29 -6.62 -0.43 -32.85
C VAL F 29 -6.39 -1.71 -32.06
N LEU F 30 -6.13 -2.83 -32.74
CA LEU F 30 -5.92 -4.10 -32.07
C LEU F 30 -4.60 -4.08 -31.33
N TYR F 31 -4.61 -4.55 -30.08
CA TYR F 31 -3.37 -4.77 -29.35
C TYR F 31 -2.86 -6.18 -29.63
N SER F 32 -1.53 -6.31 -29.74
CA SER F 32 -0.93 -7.55 -30.21
C SER F 32 -1.27 -8.74 -29.32
N SER F 33 -0.83 -8.69 -28.06
CA SER F 33 -1.00 -9.85 -27.17
C SER F 33 -2.46 -10.06 -26.82
N ILE F 34 -3.09 -9.06 -26.21
CA ILE F 34 -4.48 -9.17 -25.81
C ILE F 34 -5.36 -8.92 -27.03
N ASN F 35 -6.11 -9.94 -27.44
CA ASN F 35 -6.94 -9.86 -28.64
C ASN F 35 -8.30 -9.25 -28.35
N LYS F 36 -8.30 -8.08 -27.71
CA LYS F 36 -9.52 -7.35 -27.39
C LYS F 36 -9.38 -5.90 -27.82
N ASN F 37 -10.41 -5.39 -28.49
CA ASN F 37 -10.35 -4.06 -29.07
C ASN F 37 -10.34 -2.98 -28.00
N TYR F 38 -9.53 -1.95 -28.21
CA TYR F 38 -9.40 -0.85 -27.26
C TYR F 38 -10.29 0.32 -27.68
N LEU F 39 -11.60 0.05 -27.63
CA LEU F 39 -12.62 1.04 -27.98
C LEU F 39 -13.57 1.19 -26.81
N ALA F 40 -14.35 2.28 -26.82
CA ALA F 40 -15.30 2.56 -25.76
C ALA F 40 -16.50 3.31 -26.30
N TRP F 41 -17.67 2.99 -25.72
CA TRP F 41 -18.97 3.50 -26.12
C TRP F 41 -19.61 4.18 -24.92
N TYR F 42 -19.90 5.48 -25.06
CA TYR F 42 -20.39 6.32 -23.98
C TYR F 42 -21.78 6.85 -24.31
N GLN F 43 -22.57 7.07 -23.25
CA GLN F 43 -23.88 7.69 -23.35
C GLN F 43 -23.91 8.94 -22.50
N GLN F 44 -24.59 9.98 -23.00
CA GLN F 44 -24.63 11.26 -22.30
C GLN F 44 -25.97 11.93 -22.62
N LYS F 45 -26.84 11.99 -21.62
CA LYS F 45 -28.09 12.72 -21.75
C LYS F 45 -27.85 14.22 -21.51
N PRO F 46 -28.74 15.08 -21.99
CA PRO F 46 -28.57 16.52 -21.76
C PRO F 46 -28.54 16.84 -20.27
N GLY F 47 -27.68 17.79 -19.91
CA GLY F 47 -27.52 18.15 -18.51
C GLY F 47 -26.92 17.06 -17.65
N GLN F 48 -26.16 16.15 -18.24
CA GLN F 48 -25.60 15.01 -17.53
C GLN F 48 -24.15 14.80 -17.92
N PRO F 49 -23.28 14.47 -16.96
CA PRO F 49 -21.95 13.95 -17.30
C PRO F 49 -22.08 12.57 -17.92
N PRO F 50 -21.11 12.16 -18.75
CA PRO F 50 -21.26 10.89 -19.48
C PRO F 50 -21.19 9.70 -18.54
N LYS F 51 -21.86 8.62 -18.96
CA LYS F 51 -21.86 7.35 -18.24
C LYS F 51 -21.40 6.28 -19.21
N LEU F 52 -20.33 5.58 -18.85
CA LEU F 52 -19.77 4.59 -19.76
C LEU F 52 -20.76 3.44 -19.95
N LEU F 53 -20.93 3.04 -21.21
CA LEU F 53 -21.85 1.96 -21.57
C LEU F 53 -21.11 0.69 -21.95
N ILE F 54 -20.17 0.78 -22.89
CA ILE F 54 -19.45 -0.38 -23.40
C ILE F 54 -17.95 -0.11 -23.27
N TYR F 55 -17.22 -1.06 -22.67
CA TYR F 55 -15.77 -0.97 -22.59
C TYR F 55 -15.17 -2.18 -23.29
N TRP F 56 -13.95 -1.99 -23.80
CA TRP F 56 -13.24 -3.00 -24.59
C TRP F 56 -14.03 -3.41 -25.84
N ALA F 57 -14.99 -2.57 -26.25
CA ALA F 57 -15.72 -2.67 -27.51
C ALA F 57 -16.65 -3.89 -27.56
N SER F 58 -16.61 -4.76 -26.55
CA SER F 58 -17.51 -5.90 -26.52
C SER F 58 -17.98 -6.28 -25.12
N THR F 59 -17.60 -5.54 -24.07
CA THR F 59 -17.87 -5.92 -22.69
C THR F 59 -18.73 -4.87 -22.00
N ARG F 60 -19.70 -5.35 -21.23
CA ARG F 60 -20.76 -4.53 -20.68
C ARG F 60 -20.41 -4.06 -19.27
N GLU F 61 -20.42 -2.75 -19.07
CA GLU F 61 -20.17 -2.19 -17.75
C GLU F 61 -21.33 -2.47 -16.81
N SER F 62 -21.00 -2.69 -15.54
CA SER F 62 -22.02 -3.01 -14.55
C SER F 62 -23.05 -1.89 -14.42
N GLY F 63 -24.32 -2.27 -14.26
CA GLY F 63 -25.38 -1.32 -14.04
C GLY F 63 -26.26 -1.03 -15.24
N VAL F 64 -26.07 -1.71 -16.37
CA VAL F 64 -26.90 -1.48 -17.54
C VAL F 64 -27.44 -2.83 -18.03
N PRO F 65 -28.61 -2.86 -18.67
CA PRO F 65 -29.16 -4.14 -19.14
C PRO F 65 -28.57 -4.61 -20.45
N ASP F 66 -29.05 -5.75 -20.93
CA ASP F 66 -28.48 -6.46 -22.08
C ASP F 66 -28.82 -5.77 -23.40
N ARG F 67 -29.85 -4.92 -23.43
CA ARG F 67 -30.43 -4.37 -24.67
C ARG F 67 -29.43 -3.53 -25.49
N PHE F 68 -28.18 -3.36 -25.08
CA PHE F 68 -27.16 -2.73 -25.88
C PHE F 68 -26.09 -3.76 -26.25
N SER F 69 -25.58 -3.66 -27.47
CA SER F 69 -24.58 -4.62 -27.93
C SER F 69 -23.60 -3.91 -28.85
N GLY F 70 -22.40 -4.46 -28.93
CA GLY F 70 -21.38 -3.93 -29.82
C GLY F 70 -20.64 -5.05 -30.52
N SER F 71 -20.29 -4.81 -31.77
CA SER F 71 -19.60 -5.81 -32.57
C SER F 71 -18.69 -5.10 -33.56
N GLY F 72 -17.98 -5.88 -34.35
CA GLY F 72 -17.03 -5.37 -35.33
C GLY F 72 -15.64 -5.90 -35.07
N SER F 73 -14.69 -5.40 -35.86
CA SER F 73 -13.31 -5.85 -35.80
C SER F 73 -12.47 -4.89 -36.63
N GLY F 74 -11.17 -5.18 -36.70
CA GLY F 74 -10.28 -4.42 -37.56
C GLY F 74 -10.30 -2.93 -37.24
N THR F 75 -10.92 -2.16 -38.13
CA THR F 75 -11.08 -0.72 -37.94
C THR F 75 -12.53 -0.28 -38.00
N ASP F 76 -13.48 -1.20 -38.13
CA ASP F 76 -14.89 -0.87 -38.23
C ASP F 76 -15.69 -1.59 -37.15
N PHE F 77 -16.54 -0.84 -36.44
CA PHE F 77 -17.34 -1.40 -35.37
C PHE F 77 -18.73 -0.78 -35.42
N THR F 78 -19.68 -1.43 -34.75
CA THR F 78 -21.06 -1.00 -34.76
C THR F 78 -21.71 -1.31 -33.43
N LEU F 79 -22.42 -0.33 -32.89
CA LEU F 79 -23.18 -0.47 -31.65
C LEU F 79 -24.67 -0.46 -31.99
N THR F 80 -25.40 -1.42 -31.44
CA THR F 80 -26.82 -1.60 -31.73
C THR F 80 -27.61 -1.67 -30.44
N ILE F 81 -28.71 -0.91 -30.40
CA ILE F 81 -29.61 -0.88 -29.26
C ILE F 81 -30.91 -1.56 -29.67
N SER F 82 -31.33 -2.56 -28.89
CA SER F 82 -32.53 -3.34 -29.19
C SER F 82 -33.60 -3.05 -28.15
N SER F 83 -34.84 -2.88 -28.62
CA SER F 83 -36.00 -2.66 -27.76
C SER F 83 -35.80 -1.43 -26.88
N LEU F 84 -35.69 -0.27 -27.53
CA LEU F 84 -35.40 0.97 -26.83
C LEU F 84 -36.57 1.38 -25.93
N GLN F 85 -36.28 2.30 -25.03
CA GLN F 85 -37.27 2.92 -24.16
C GLN F 85 -37.38 4.41 -24.49
N ALA F 86 -38.42 5.04 -23.93
CA ALA F 86 -38.53 6.49 -24.05
C ALA F 86 -37.39 7.21 -23.35
N GLU F 87 -36.78 6.57 -22.34
CA GLU F 87 -35.64 7.10 -21.63
C GLU F 87 -34.35 7.04 -22.43
N ASP F 88 -34.32 6.30 -23.53
CA ASP F 88 -33.10 6.01 -24.27
C ASP F 88 -32.68 7.11 -25.23
N VAL F 89 -33.18 8.34 -25.07
CA VAL F 89 -32.76 9.44 -25.91
C VAL F 89 -31.58 10.16 -25.28
N ALA F 90 -30.46 10.19 -25.98
CA ALA F 90 -29.22 10.76 -25.46
C ALA F 90 -28.25 10.93 -26.63
N VAL F 91 -27.00 11.27 -26.30
CA VAL F 91 -25.93 11.42 -27.28
C VAL F 91 -24.90 10.34 -27.02
N TYR F 92 -24.54 9.59 -28.05
CA TYR F 92 -23.68 8.42 -27.92
C TYR F 92 -22.35 8.67 -28.64
N TYR F 93 -21.26 8.24 -28.00
CA TYR F 93 -19.91 8.61 -28.41
C TYR F 93 -19.02 7.38 -28.48
N CYS F 94 -18.18 7.30 -29.52
CA CYS F 94 -17.18 6.24 -29.62
C CYS F 94 -15.78 6.85 -29.49
N GLN F 95 -14.93 6.22 -28.69
CA GLN F 95 -13.60 6.75 -28.43
C GLN F 95 -12.64 5.61 -28.10
N GLN F 96 -11.47 5.62 -28.73
CA GLN F 96 -10.46 4.62 -28.47
C GLN F 96 -9.45 5.13 -27.45
N TYR F 97 -8.68 4.21 -26.87
CA TYR F 97 -7.63 4.56 -25.92
C TYR F 97 -6.39 3.70 -26.17
N TYR F 98 -6.03 3.52 -27.43
CA TYR F 98 -4.87 2.67 -27.75
C TYR F 98 -3.57 3.28 -27.25
N SER F 99 -3.40 4.58 -27.40
CA SER F 99 -2.16 5.23 -26.99
C SER F 99 -2.41 6.73 -26.86
N THR F 100 -1.48 7.40 -26.20
CA THR F 100 -1.59 8.85 -26.04
C THR F 100 -1.42 9.53 -27.40
N PRO F 101 -2.36 10.38 -27.82
CA PRO F 101 -3.62 10.73 -27.17
C PRO F 101 -4.82 10.03 -27.79
N TYR F 102 -6.02 10.26 -27.24
CA TYR F 102 -7.24 9.67 -27.77
C TYR F 102 -8.07 10.75 -28.45
N THR F 103 -8.80 10.35 -29.49
CA THR F 103 -9.67 11.25 -30.25
C THR F 103 -11.07 10.68 -30.31
N PHE F 104 -12.07 11.50 -30.00
CA PHE F 104 -13.46 11.08 -30.05
C PHE F 104 -14.02 11.23 -31.46
N GLY F 105 -15.27 10.81 -31.62
CA GLY F 105 -16.00 11.03 -32.85
C GLY F 105 -16.72 12.37 -32.84
N GLN F 106 -17.48 12.61 -33.92
CA GLN F 106 -18.23 13.86 -34.00
C GLN F 106 -19.46 13.83 -33.11
N GLY F 107 -20.13 12.68 -33.01
CA GLY F 107 -21.31 12.55 -32.19
C GLY F 107 -22.51 11.94 -32.89
N THR F 108 -23.41 11.35 -32.10
CA THR F 108 -24.61 10.72 -32.63
C THR F 108 -25.82 11.19 -31.81
N LYS F 109 -26.90 11.52 -32.53
CA LYS F 109 -28.13 11.98 -31.90
C LYS F 109 -29.25 11.01 -32.23
N VAL F 110 -29.91 10.49 -31.20
CA VAL F 110 -31.02 9.58 -31.37
C VAL F 110 -32.31 10.33 -31.10
N GLU F 111 -33.40 9.88 -31.73
CA GLU F 111 -34.67 10.58 -31.64
C GLU F 111 -35.79 9.61 -32.00
N ILE F 112 -36.88 9.67 -31.22
CA ILE F 112 -38.02 8.80 -31.44
C ILE F 112 -38.80 9.28 -32.65
N LYS F 113 -39.43 8.34 -33.36
CA LYS F 113 -40.13 8.64 -34.60
C LYS F 113 -41.60 8.23 -34.49
N ARG F 114 -42.48 9.08 -35.01
CA ARG F 114 -43.91 8.84 -34.94
C ARG F 114 -44.60 9.64 -36.05
N THR F 115 -45.92 9.78 -35.95
CA THR F 115 -46.72 10.36 -37.01
C THR F 115 -46.49 11.86 -37.13
N VAL F 116 -46.83 12.39 -38.31
CA VAL F 116 -46.78 13.83 -38.55
C VAL F 116 -47.80 14.54 -37.66
N ALA F 117 -47.46 15.76 -37.23
CA ALA F 117 -48.29 16.52 -36.31
C ALA F 117 -48.60 17.89 -36.91
N ALA F 118 -49.81 18.38 -36.64
CA ALA F 118 -50.23 19.67 -37.15
C ALA F 118 -49.71 20.79 -36.25
N PRO F 119 -48.87 21.69 -36.75
CA PRO F 119 -48.30 22.74 -35.91
C PRO F 119 -49.22 23.96 -35.80
N SER F 120 -48.89 24.84 -34.85
CA SER F 120 -49.67 26.05 -34.60
C SER F 120 -48.76 27.27 -34.67
N VAL F 121 -49.19 28.29 -35.42
CA VAL F 121 -48.38 29.49 -35.64
C VAL F 121 -49.13 30.71 -35.11
N PHE F 122 -48.40 31.56 -34.39
CA PHE F 122 -48.91 32.80 -33.82
C PHE F 122 -47.90 33.92 -34.06
N ILE F 123 -48.39 35.15 -34.02
CA ILE F 123 -47.57 36.34 -34.24
C ILE F 123 -47.89 37.35 -33.14
N PHE F 124 -46.86 38.03 -32.63
CA PHE F 124 -47.06 39.04 -31.61
C PHE F 124 -46.15 40.24 -31.76
N PRO F 125 -46.70 41.45 -31.63
CA PRO F 125 -45.87 42.64 -31.48
C PRO F 125 -45.62 42.93 -30.01
N PRO F 126 -44.66 43.81 -29.68
CA PRO F 126 -44.36 44.08 -28.26
C PRO F 126 -45.30 45.09 -27.63
N SER F 127 -45.04 45.44 -26.38
CA SER F 127 -45.86 46.38 -25.62
C SER F 127 -45.21 47.77 -25.64
N ASP F 128 -45.94 48.73 -25.07
CA ASP F 128 -45.58 50.14 -25.24
C ASP F 128 -44.25 50.49 -24.57
N GLU F 129 -44.03 50.02 -23.35
CA GLU F 129 -42.79 50.35 -22.65
C GLU F 129 -41.57 49.79 -23.37
N GLN F 130 -41.74 48.66 -24.08
CA GLN F 130 -40.65 48.17 -24.92
C GLN F 130 -40.28 49.19 -25.99
N LEU F 131 -41.29 49.78 -26.64
CA LEU F 131 -41.03 50.79 -27.65
C LEU F 131 -40.38 52.02 -27.03
N LYS F 132 -40.89 52.47 -25.88
CA LYS F 132 -40.32 53.64 -25.21
C LYS F 132 -38.90 53.38 -24.71
N SER F 133 -38.50 52.12 -24.53
CA SER F 133 -37.12 51.83 -24.20
C SER F 133 -36.18 52.22 -25.34
N GLY F 134 -36.60 51.95 -26.58
CA GLY F 134 -35.79 52.28 -27.74
C GLY F 134 -35.63 51.13 -28.71
N THR F 135 -36.20 49.97 -28.37
CA THR F 135 -36.12 48.78 -29.18
C THR F 135 -37.51 48.23 -29.43
N ALA F 136 -37.63 47.42 -30.49
CA ALA F 136 -38.87 46.73 -30.81
C ALA F 136 -38.56 45.29 -31.16
N SER F 137 -39.26 44.36 -30.51
CA SER F 137 -39.04 42.93 -30.71
C SER F 137 -40.36 42.28 -31.08
N VAL F 138 -40.47 41.81 -32.31
CA VAL F 138 -41.67 41.15 -32.81
C VAL F 138 -41.36 39.66 -32.95
N VAL F 139 -42.30 38.83 -32.53
CA VAL F 139 -42.06 37.40 -32.36
C VAL F 139 -43.03 36.60 -33.21
N CYS F 140 -42.50 35.63 -33.96
CA CYS F 140 -43.27 34.56 -34.57
C CYS F 140 -43.05 33.29 -33.78
N LEU F 141 -44.13 32.61 -33.45
CA LEU F 141 -44.09 31.44 -32.60
C LEU F 141 -44.72 30.28 -33.35
N LEU F 142 -44.06 29.12 -33.36
CA LEU F 142 -44.56 27.97 -34.07
C LEU F 142 -44.38 26.77 -33.17
N ASN F 143 -45.41 25.94 -33.02
CA ASN F 143 -45.46 25.01 -31.90
C ASN F 143 -45.98 23.64 -32.32
N ASN F 144 -45.58 22.64 -31.53
CA ASN F 144 -46.12 21.28 -31.51
C ASN F 144 -46.10 20.60 -32.89
N PHE F 145 -44.98 20.75 -33.58
CA PHE F 145 -44.82 20.21 -34.92
C PHE F 145 -44.01 18.93 -34.91
N TYR F 146 -44.15 18.16 -35.98
CA TYR F 146 -43.33 17.00 -36.31
C TYR F 146 -43.61 16.69 -37.78
N PRO F 147 -42.59 16.57 -38.64
CA PRO F 147 -41.14 16.61 -38.40
C PRO F 147 -40.57 17.98 -38.01
N ARG F 148 -39.27 18.00 -37.71
CA ARG F 148 -38.62 19.22 -37.26
C ARG F 148 -38.55 20.27 -38.36
N GLU F 149 -38.39 19.83 -39.61
CA GLU F 149 -38.12 20.75 -40.71
C GLU F 149 -39.31 21.66 -40.96
N ALA F 150 -39.10 22.97 -40.80
CA ALA F 150 -40.13 23.95 -41.06
C ALA F 150 -39.47 25.30 -41.32
N LYS F 151 -39.54 25.77 -42.56
CA LYS F 151 -38.96 27.06 -42.90
C LYS F 151 -39.79 28.20 -42.32
N VAL F 152 -39.12 29.28 -41.93
CA VAL F 152 -39.75 30.46 -41.36
C VAL F 152 -39.22 31.69 -42.08
N GLN F 153 -40.12 32.62 -42.42
CA GLN F 153 -39.74 33.83 -43.13
C GLN F 153 -40.57 35.00 -42.63
N TRP F 154 -40.02 36.20 -42.79
CA TRP F 154 -40.67 37.44 -42.39
C TRP F 154 -41.03 38.27 -43.61
N LYS F 155 -41.85 39.30 -43.38
CA LYS F 155 -42.25 40.20 -44.45
C LYS F 155 -42.66 41.53 -43.84
N VAL F 156 -42.00 42.61 -44.24
CA VAL F 156 -42.28 43.94 -43.74
C VAL F 156 -43.00 44.72 -44.85
N ASP F 157 -44.31 44.91 -44.68
CA ASP F 157 -45.15 45.54 -45.71
C ASP F 157 -44.96 44.86 -47.06
N ASN F 158 -45.01 43.53 -47.05
CA ASN F 158 -44.79 42.71 -48.24
C ASN F 158 -43.42 42.95 -48.85
N ALA F 159 -42.42 43.14 -47.99
CA ALA F 159 -41.03 43.31 -48.42
C ALA F 159 -40.13 42.49 -47.50
N LEU F 160 -38.98 42.10 -48.02
CA LEU F 160 -38.11 41.14 -47.34
C LEU F 160 -37.17 41.85 -46.37
N GLN F 161 -36.63 41.06 -45.44
CA GLN F 161 -35.63 41.52 -44.49
C GLN F 161 -34.46 40.53 -44.49
N SER F 162 -33.28 41.03 -44.12
CA SER F 162 -32.08 40.21 -44.07
C SER F 162 -31.39 40.39 -42.72
N GLY F 163 -30.94 39.28 -42.16
CA GLY F 163 -30.21 39.31 -40.89
C GLY F 163 -31.00 39.91 -39.75
N ASN F 164 -32.29 39.64 -39.69
CA ASN F 164 -33.15 40.19 -38.65
C ASN F 164 -33.88 39.16 -37.83
N SER F 165 -33.98 37.92 -38.28
CA SER F 165 -34.74 36.88 -37.60
C SER F 165 -33.76 35.91 -36.93
N GLN F 166 -33.95 35.71 -35.63
CA GLN F 166 -33.18 34.76 -34.85
C GLN F 166 -34.08 33.58 -34.50
N GLU F 167 -33.60 32.37 -34.77
CA GLU F 167 -34.39 31.16 -34.67
C GLU F 167 -33.94 30.34 -33.47
N SER F 168 -34.88 29.94 -32.63
CA SER F 168 -34.61 29.13 -31.44
C SER F 168 -35.47 27.89 -31.47
N VAL F 169 -34.86 26.74 -31.13
CA VAL F 169 -35.50 25.44 -31.16
C VAL F 169 -35.35 24.77 -29.79
N THR F 170 -36.38 24.07 -29.36
CA THR F 170 -36.33 23.31 -28.12
C THR F 170 -35.93 21.86 -28.39
N GLU F 171 -35.84 21.08 -27.32
CA GLU F 171 -35.37 19.70 -27.41
C GLU F 171 -36.56 18.76 -27.59
N GLN F 172 -36.31 17.46 -27.48
CA GLN F 172 -37.38 16.47 -27.60
C GLN F 172 -38.40 16.65 -26.50
N ASP F 173 -39.66 16.42 -26.84
CA ASP F 173 -40.77 16.53 -25.89
C ASP F 173 -41.14 15.15 -25.37
N SER F 174 -41.40 15.07 -24.07
CA SER F 174 -41.67 13.79 -23.43
C SER F 174 -43.04 13.23 -23.80
N LYS F 175 -43.98 14.08 -24.22
CA LYS F 175 -45.34 13.63 -24.47
C LYS F 175 -45.47 12.94 -25.82
N ASP F 176 -45.19 13.67 -26.91
CA ASP F 176 -45.34 13.10 -28.24
C ASP F 176 -44.26 13.57 -29.21
N SER F 177 -43.09 13.97 -28.70
CA SER F 177 -41.95 14.37 -29.53
C SER F 177 -42.32 15.48 -30.50
N THR F 178 -43.09 16.46 -30.00
CA THR F 178 -43.43 17.65 -30.76
C THR F 178 -42.69 18.83 -30.18
N TYR F 179 -42.05 19.61 -31.05
CA TYR F 179 -41.11 20.65 -30.65
C TYR F 179 -41.72 22.02 -30.88
N SER F 180 -41.04 23.04 -30.35
CA SER F 180 -41.48 24.42 -30.50
C SER F 180 -40.30 25.28 -30.95
N LEU F 181 -40.60 26.23 -31.82
CA LEU F 181 -39.61 27.10 -32.46
C LEU F 181 -40.08 28.54 -32.39
N SER F 182 -39.12 29.46 -32.30
CA SER F 182 -39.42 30.88 -32.27
C SER F 182 -38.51 31.63 -33.23
N SER F 183 -39.04 32.69 -33.84
CA SER F 183 -38.28 33.61 -34.66
C SER F 183 -38.48 35.00 -34.10
N THR F 184 -37.40 35.64 -33.68
CA THR F 184 -37.46 36.96 -33.06
C THR F 184 -36.80 37.97 -33.97
N LEU F 185 -37.46 39.11 -34.17
CA LEU F 185 -36.95 40.18 -35.03
C LEU F 185 -36.87 41.46 -34.20
N THR F 186 -35.67 42.03 -34.13
CA THR F 186 -35.41 43.24 -33.37
C THR F 186 -35.11 44.39 -34.31
N LEU F 187 -35.63 45.56 -33.98
CA LEU F 187 -35.50 46.73 -34.85
C LEU F 187 -35.68 47.99 -34.01
N SER F 188 -35.41 49.13 -34.63
CA SER F 188 -35.48 50.40 -33.94
C SER F 188 -36.94 50.84 -33.77
N LYS F 189 -37.15 51.73 -32.80
CA LYS F 189 -38.49 52.27 -32.56
C LYS F 189 -39.04 52.96 -33.80
N ALA F 190 -38.25 53.87 -34.39
CA ALA F 190 -38.69 54.56 -35.59
C ALA F 190 -38.89 53.60 -36.74
N ASP F 191 -37.95 52.67 -36.92
CA ASP F 191 -38.07 51.70 -38.01
C ASP F 191 -39.31 50.83 -37.85
N TYR F 192 -39.64 50.49 -36.61
CA TYR F 192 -40.92 49.83 -36.35
C TYR F 192 -42.08 50.73 -36.75
N GLU F 193 -41.99 52.02 -36.43
CA GLU F 193 -43.00 52.98 -36.83
C GLU F 193 -42.92 53.35 -38.30
N LYS F 194 -41.89 52.89 -39.02
CA LYS F 194 -41.71 53.22 -40.43
C LYS F 194 -42.51 52.31 -41.36
N HIS F 195 -43.25 51.34 -40.84
CA HIS F 195 -43.96 50.39 -41.68
C HIS F 195 -45.28 50.01 -41.01
N LYS F 196 -46.18 49.43 -41.79
CA LYS F 196 -47.55 49.22 -41.34
C LYS F 196 -47.90 47.75 -41.09
N VAL F 197 -47.68 46.87 -42.07
CA VAL F 197 -48.17 45.51 -42.01
C VAL F 197 -46.98 44.55 -41.91
N TYR F 198 -46.98 43.72 -40.88
CA TYR F 198 -45.99 42.67 -40.71
C TYR F 198 -46.63 41.31 -40.96
N ALA F 199 -45.95 40.49 -41.76
CA ALA F 199 -46.43 39.17 -42.11
C ALA F 199 -45.37 38.13 -41.77
N CYS F 200 -45.82 36.97 -41.31
CA CYS F 200 -44.95 35.84 -41.02
C CYS F 200 -45.41 34.65 -41.86
N GLU F 201 -44.46 33.97 -42.48
CA GLU F 201 -44.73 32.86 -43.38
C GLU F 201 -44.03 31.61 -42.87
N VAL F 202 -44.74 30.49 -42.85
CA VAL F 202 -44.20 29.23 -42.37
C VAL F 202 -44.41 28.15 -43.42
N THR F 203 -43.48 27.21 -43.46
CA THR F 203 -43.49 26.10 -44.41
C THR F 203 -43.19 24.82 -43.65
N HIS F 204 -44.03 23.80 -43.84
CA HIS F 204 -43.86 22.56 -43.11
C HIS F 204 -44.55 21.44 -43.88
N GLN F 205 -44.07 20.20 -43.65
CA GLN F 205 -44.71 19.05 -44.26
C GLN F 205 -46.14 18.86 -43.75
N GLY F 206 -46.43 19.31 -42.54
CA GLY F 206 -47.78 19.30 -42.03
C GLY F 206 -48.72 20.29 -42.66
N LEU F 207 -48.20 21.16 -43.53
CA LEU F 207 -48.99 22.13 -44.27
C LEU F 207 -48.86 21.84 -45.75
N SER F 208 -50.00 21.77 -46.45
CA SER F 208 -49.96 21.58 -47.89
C SER F 208 -49.34 22.77 -48.59
N SER F 209 -49.53 23.96 -48.04
CA SER F 209 -48.98 25.20 -48.57
C SER F 209 -48.48 26.05 -47.41
N PRO F 210 -47.52 26.94 -47.66
CA PRO F 210 -47.06 27.84 -46.58
C PRO F 210 -48.20 28.68 -46.03
N VAL F 211 -48.17 28.89 -44.72
CA VAL F 211 -49.23 29.61 -44.02
C VAL F 211 -48.67 30.95 -43.55
N THR F 212 -49.38 32.03 -43.85
CA THR F 212 -48.96 33.38 -43.52
C THR F 212 -49.97 34.01 -42.58
N LYS F 213 -49.48 34.60 -41.49
CA LYS F 213 -50.28 35.43 -40.60
C LYS F 213 -49.75 36.84 -40.63
N SER F 214 -50.61 37.80 -40.93
CA SER F 214 -50.21 39.19 -41.08
C SER F 214 -51.10 40.08 -40.24
N PHE F 215 -50.55 41.23 -39.84
CA PHE F 215 -51.30 42.21 -39.04
C PHE F 215 -50.73 43.59 -39.28
N ASN F 216 -51.61 44.58 -39.24
CA ASN F 216 -51.22 45.98 -39.38
C ASN F 216 -50.93 46.59 -38.01
N ARG F 217 -49.97 47.50 -37.97
CA ARG F 217 -49.59 48.14 -36.71
C ARG F 217 -50.75 48.93 -36.14
N GLY F 218 -51.01 48.74 -34.85
CA GLY F 218 -52.06 49.48 -34.16
C GLY F 218 -53.46 48.97 -34.40
N GLU F 219 -53.64 47.89 -35.14
CA GLU F 219 -54.96 47.36 -35.43
C GLU F 219 -54.93 45.84 -35.57
#